data_5WRE
#
_entry.id   5WRE
#
_cell.length_a   65.241
_cell.length_b   66.930
_cell.length_c   87.071
_cell.angle_alpha   68.280
_cell.angle_beta   69.020
_cell.angle_gamma   83.620
#
_symmetry.space_group_name_H-M   'P 1'
#
loop_
_entity.id
_entity.type
_entity.pdbx_description
1 polymer 'Core protein'
2 non-polymer '(2S)-1-[[(4R)-4-(2-chloranyl-4-fluoranyl-phenyl)-5-methoxycarbonyl-2-(1,3-thiazol-2-yl)-1,4-dihydropyrimidin-6-yl]methyl]-4,4-bis(fluoranyl)pyrrolidine-2-carboxylic acid'
3 non-polymer 'ISOPROPYL ALCOHOL'
4 non-polymer 'CHLORIDE ION'
5 non-polymer GLYCEROL
6 water water
#
_entity_poly.entity_id   1
_entity_poly.type   'polypeptide(L)'
_entity_poly.pdbx_seq_one_letter_code
;MDIDPYKEFGATVELLSFLPSDFFPSVRDLLDTAAALYRDALESPEHCSPHHTALRQAILCWGDLMTLATWVGTNLEDPA
SRDLVVSYVNTNVGLKFRQLLWFHISCLTFGRETVLEYLVSFGVWIRTPPAARPPNAPILSTLPETTVVENLYFQ
;
_entity_poly.pdbx_strand_id   A,B,C,D,E,F
#
loop_
_chem_comp.id
_chem_comp.type
_chem_comp.name
_chem_comp.formula
7TL non-polymer '(2S)-1-[[(4R)-4-(2-chloranyl-4-fluoranyl-phenyl)-5-methoxycarbonyl-2-(1,3-thiazol-2-yl)-1,4-dihydropyrimidin-6-yl]methyl]-4,4-bis(fluoranyl)pyrrolidine-2-carboxylic acid' 'C21 H18 Cl F3 N4 O4 S'
CL non-polymer 'CHLORIDE ION' 'Cl -1'
GOL non-polymer GLYCEROL 'C3 H8 O3'
IPA non-polymer 'ISOPROPYL ALCOHOL' 'C3 H8 O'
#
# COMPACT_ATOMS: atom_id res chain seq x y z
N MET A 1 -3.64 -5.89 -10.41
CA MET A 1 -4.09 -7.06 -9.68
C MET A 1 -2.92 -7.61 -8.87
N ASP A 2 -3.15 -7.90 -7.60
CA ASP A 2 -2.11 -8.38 -6.70
C ASP A 2 -2.50 -9.73 -6.13
N ILE A 3 -2.04 -10.80 -6.78
CA ILE A 3 -2.41 -12.17 -6.44
C ILE A 3 -1.23 -12.83 -5.75
N ASP A 4 -1.48 -13.40 -4.57
CA ASP A 4 -0.51 -14.22 -3.87
C ASP A 4 -0.91 -15.68 -4.05
N PRO A 5 -0.07 -16.49 -4.70
CA PRO A 5 -0.45 -17.89 -4.98
C PRO A 5 -0.74 -18.73 -3.75
N TYR A 6 -0.22 -18.35 -2.59
CA TYR A 6 -0.42 -19.14 -1.38
C TYR A 6 -1.66 -18.76 -0.59
N LYS A 7 -2.27 -17.61 -0.89
CA LYS A 7 -3.31 -17.06 -0.03
C LYS A 7 -4.50 -18.01 0.08
N GLU A 8 -4.96 -18.56 -1.04
CA GLU A 8 -6.08 -19.50 -0.95
C GLU A 8 -5.69 -20.79 -0.25
N PHE A 9 -4.39 -21.05 -0.08
CA PHE A 9 -3.93 -22.23 0.64
C PHE A 9 -3.43 -21.88 2.05
N GLY A 10 -3.85 -20.73 2.57
CA GLY A 10 -3.54 -20.37 3.94
C GLY A 10 -2.10 -20.01 4.21
N ALA A 11 -1.41 -19.46 3.23
CA ALA A 11 -0.02 -19.02 3.40
C ALA A 11 0.19 -17.76 2.57
N THR A 12 1.43 -17.31 2.49
CA THR A 12 1.79 -16.11 1.75
C THR A 12 3.19 -16.30 1.20
N VAL A 13 3.54 -15.51 0.18
CA VAL A 13 4.92 -15.52 -0.31
C VAL A 13 5.92 -15.18 0.80
N GLU A 14 5.55 -14.26 1.70
CA GLU A 14 6.50 -13.87 2.75
C GLU A 14 6.82 -15.03 3.67
N LEU A 15 5.80 -15.80 4.07
CA LEU A 15 6.03 -16.97 4.91
C LEU A 15 6.93 -17.99 4.20
N LEU A 16 6.69 -18.27 2.90
CA LEU A 16 7.58 -19.22 2.21
C LEU A 16 9.01 -18.70 2.13
N SER A 17 9.19 -17.38 2.01
N SER A 17 9.18 -17.38 2.02
CA SER A 17 10.52 -16.81 1.91
CA SER A 17 10.50 -16.77 1.93
C SER A 17 11.28 -16.85 3.23
C SER A 17 11.30 -16.94 3.21
N PHE A 18 10.65 -17.31 4.31
CA PHE A 18 11.35 -17.51 5.58
C PHE A 18 12.35 -18.67 5.48
N LEU A 19 12.18 -19.55 4.46
CA LEU A 19 13.10 -20.68 4.23
C LEU A 19 14.19 -20.27 3.27
N PRO A 20 15.45 -20.49 3.60
CA PRO A 20 16.53 -20.16 2.67
C PRO A 20 16.48 -21.06 1.45
N SER A 21 17.15 -20.62 0.39
CA SER A 21 17.09 -21.34 -0.87
C SER A 21 17.58 -22.77 -0.72
N ASP A 22 18.64 -23.00 0.06
CA ASP A 22 19.20 -24.35 0.14
C ASP A 22 18.33 -25.32 0.92
N PHE A 23 17.21 -24.87 1.49
CA PHE A 23 16.27 -25.78 2.13
C PHE A 23 15.55 -26.67 1.11
N PHE A 24 15.34 -26.17 -0.06
CA PHE A 24 14.41 -26.76 -1.01
C PHE A 24 15.12 -27.75 -1.94
N PRO A 25 14.47 -28.85 -2.25
CA PRO A 25 14.95 -29.71 -3.35
C PRO A 25 15.00 -28.92 -4.64
N SER A 26 15.69 -29.47 -5.64
CA SER A 26 15.72 -28.87 -6.96
C SER A 26 14.36 -29.00 -7.66
N VAL A 27 14.15 -28.16 -8.67
CA VAL A 27 12.92 -28.27 -9.46
C VAL A 27 12.82 -29.67 -10.08
N ARG A 28 13.92 -30.17 -10.64
CA ARG A 28 13.89 -31.53 -11.21
C ARG A 28 13.49 -32.55 -10.16
N ASP A 29 14.11 -32.49 -8.96
CA ASP A 29 13.77 -33.46 -7.92
C ASP A 29 12.34 -33.29 -7.42
N LEU A 30 11.83 -32.05 -7.41
CA LEU A 30 10.43 -31.86 -7.08
C LEU A 30 9.52 -32.45 -8.15
N LEU A 31 9.86 -32.24 -9.42
CA LEU A 31 9.07 -32.80 -10.52
C LEU A 31 9.10 -34.33 -10.52
N ASP A 32 10.28 -34.92 -10.29
CA ASP A 32 10.36 -36.38 -10.19
C ASP A 32 9.47 -36.88 -9.08
N THR A 33 9.48 -36.17 -7.94
CA THR A 33 8.69 -36.57 -6.79
C THR A 33 7.19 -36.42 -7.06
N ALA A 34 6.77 -35.34 -7.73
CA ALA A 34 5.36 -35.23 -8.09
C ALA A 34 4.94 -36.39 -8.97
N ALA A 35 5.79 -36.76 -9.92
CA ALA A 35 5.48 -37.89 -10.79
C ALA A 35 5.39 -39.19 -10.00
N ALA A 36 6.38 -39.46 -9.14
CA ALA A 36 6.41 -40.74 -8.42
C ALA A 36 5.23 -40.86 -7.47
N LEU A 37 4.78 -39.76 -6.88
CA LEU A 37 3.72 -39.81 -5.88
C LEU A 37 2.32 -39.54 -6.43
N TYR A 38 2.18 -38.65 -7.41
CA TYR A 38 0.86 -38.16 -7.78
C TYR A 38 0.59 -38.18 -9.27
N ARG A 39 1.34 -38.97 -10.05
CA ARG A 39 1.20 -38.88 -11.50
C ARG A 39 -0.23 -39.15 -11.93
N ASP A 40 -0.83 -40.23 -11.42
CA ASP A 40 -2.13 -40.64 -11.94
C ASP A 40 -3.21 -39.61 -11.62
N ALA A 41 -3.13 -39.00 -10.44
CA ALA A 41 -4.07 -37.94 -10.07
C ALA A 41 -3.82 -36.68 -10.89
N LEU A 42 -2.55 -36.29 -11.05
CA LEU A 42 -2.25 -35.08 -11.80
C LEU A 42 -2.71 -35.20 -13.26
N GLU A 43 -2.62 -36.40 -13.83
CA GLU A 43 -3.04 -36.61 -15.21
C GLU A 43 -4.51 -36.97 -15.35
N SER A 44 -5.27 -37.05 -14.25
CA SER A 44 -6.63 -37.55 -14.36
C SER A 44 -7.61 -36.45 -14.76
N PRO A 45 -8.78 -36.81 -15.28
CA PRO A 45 -9.79 -35.80 -15.60
C PRO A 45 -10.50 -35.23 -14.39
N GLU A 46 -10.13 -35.64 -13.17
CA GLU A 46 -10.77 -35.18 -11.95
C GLU A 46 -9.97 -34.05 -11.32
N HIS A 47 -10.67 -33.03 -10.80
CA HIS A 47 -9.99 -31.94 -10.11
C HIS A 47 -9.10 -32.45 -8.98
N CYS A 48 -9.61 -33.41 -8.19
CA CYS A 48 -8.95 -34.02 -7.03
C CYS A 48 -8.93 -33.06 -5.84
N SER A 49 -8.27 -31.92 -5.98
CA SER A 49 -8.22 -30.93 -4.91
C SER A 49 -7.68 -29.64 -5.49
N PRO A 50 -7.85 -28.51 -4.78
CA PRO A 50 -7.19 -27.27 -5.25
C PRO A 50 -5.68 -27.40 -5.35
N HIS A 51 -5.03 -28.12 -4.42
CA HIS A 51 -3.58 -28.36 -4.54
C HIS A 51 -3.26 -29.11 -5.83
N HIS A 52 -4.08 -30.08 -6.20
CA HIS A 52 -3.88 -30.75 -7.49
C HIS A 52 -3.98 -29.75 -8.62
N THR A 53 -5.05 -28.95 -8.64
CA THR A 53 -5.22 -27.94 -9.68
C THR A 53 -4.01 -27.01 -9.74
N ALA A 54 -3.59 -26.49 -8.59
CA ALA A 54 -2.47 -25.56 -8.56
C ALA A 54 -1.19 -26.22 -9.06
N LEU A 55 -0.88 -27.41 -8.52
CA LEU A 55 0.34 -28.10 -8.92
C LEU A 55 0.34 -28.41 -10.42
N ARG A 56 -0.82 -28.80 -10.96
CA ARG A 56 -0.89 -28.97 -12.41
C ARG A 56 -0.41 -27.72 -13.14
N GLN A 57 -0.88 -26.53 -12.71
CA GLN A 57 -0.48 -25.33 -13.45
C GLN A 57 0.99 -25.01 -13.24
N ALA A 58 1.49 -25.18 -12.00
CA ALA A 58 2.88 -24.89 -11.71
C ALA A 58 3.82 -25.73 -12.56
N ILE A 59 3.52 -27.03 -12.71
CA ILE A 59 4.36 -27.90 -13.54
C ILE A 59 4.38 -27.43 -14.99
N LEU A 60 3.20 -27.15 -15.55
CA LEU A 60 3.13 -26.70 -16.93
C LEU A 60 3.77 -25.33 -17.10
N CYS A 61 3.62 -24.43 -16.11
CA CYS A 61 4.28 -23.13 -16.21
C CYS A 61 5.79 -23.29 -16.27
N TRP A 62 6.36 -24.18 -15.42
CA TRP A 62 7.79 -24.43 -15.49
C TRP A 62 8.17 -24.93 -16.88
N GLY A 63 7.36 -25.83 -17.44
CA GLY A 63 7.56 -26.24 -18.82
C GLY A 63 7.61 -25.06 -19.78
N ASP A 64 6.63 -24.16 -19.69
CA ASP A 64 6.64 -22.94 -20.49
C ASP A 64 7.94 -22.17 -20.32
N LEU A 65 8.33 -21.93 -19.06
CA LEU A 65 9.54 -21.17 -18.78
C LEU A 65 10.77 -21.84 -19.36
N MET A 66 10.87 -23.18 -19.24
CA MET A 66 12.02 -23.91 -19.78
C MET A 66 12.01 -23.94 -21.30
N THR A 67 10.82 -24.07 -21.90
CA THR A 67 10.76 -24.02 -23.36
C THR A 67 11.30 -22.70 -23.86
N LEU A 68 10.88 -21.61 -23.24
CA LEU A 68 11.39 -20.30 -23.63
C LEU A 68 12.89 -20.19 -23.36
N ALA A 69 13.33 -20.65 -22.19
CA ALA A 69 14.75 -20.57 -21.87
C ALA A 69 15.59 -21.42 -22.82
N THR A 70 15.09 -22.63 -23.16
CA THR A 70 15.81 -23.48 -24.11
C THR A 70 15.85 -22.86 -25.50
N TRP A 71 14.74 -22.31 -25.97
CA TRP A 71 14.74 -21.70 -27.29
C TRP A 71 15.73 -20.54 -27.35
N VAL A 72 15.78 -19.73 -26.30
CA VAL A 72 16.78 -18.67 -26.24
C VAL A 72 18.17 -19.26 -26.23
N GLY A 73 18.38 -20.29 -25.41
CA GLY A 73 19.72 -20.86 -25.28
C GLY A 73 20.21 -21.53 -26.55
N THR A 74 19.30 -22.09 -27.34
CA THR A 74 19.73 -22.75 -28.57
C THR A 74 20.02 -21.75 -29.67
N ASN A 75 19.71 -20.47 -29.45
CA ASN A 75 19.96 -19.42 -30.42
C ASN A 75 20.96 -18.40 -29.92
N LEU A 76 21.66 -18.72 -28.82
CA LEU A 76 22.84 -17.99 -28.39
C LEU A 76 24.07 -18.79 -28.76
N GLU A 77 25.06 -18.13 -29.36
CA GLU A 77 26.28 -18.83 -29.75
C GLU A 77 27.33 -18.83 -28.65
N ASP A 78 27.21 -17.95 -27.66
CA ASP A 78 28.23 -17.81 -26.63
C ASP A 78 27.90 -18.72 -25.46
N PRO A 79 28.75 -19.69 -25.12
CA PRO A 79 28.43 -20.57 -23.97
C PRO A 79 28.55 -19.88 -22.63
N ALA A 80 28.97 -18.61 -22.59
CA ALA A 80 28.92 -17.85 -21.36
C ALA A 80 27.62 -17.08 -21.24
N SER A 81 26.95 -16.85 -22.37
CA SER A 81 25.61 -16.27 -22.34
C SER A 81 24.60 -17.33 -21.92
N ARG A 82 24.84 -18.58 -22.32
CA ARG A 82 23.97 -19.67 -21.91
C ARG A 82 24.11 -19.97 -20.43
N ASP A 83 25.34 -19.89 -19.89
CA ASP A 83 25.50 -20.13 -18.46
C ASP A 83 24.85 -19.04 -17.63
N LEU A 84 24.82 -17.80 -18.13
CA LEU A 84 24.16 -16.74 -17.37
C LEU A 84 22.65 -16.93 -17.36
N VAL A 85 22.08 -17.37 -18.49
CA VAL A 85 20.65 -17.65 -18.50
C VAL A 85 20.33 -18.78 -17.52
N VAL A 86 21.14 -19.84 -17.52
CA VAL A 86 20.99 -20.93 -16.56
C VAL A 86 21.11 -20.40 -15.14
N SER A 87 22.09 -19.53 -14.88
CA SER A 87 22.27 -19.00 -13.54
C SER A 87 21.08 -18.13 -13.11
N TYR A 88 20.53 -17.35 -14.05
CA TYR A 88 19.44 -16.43 -13.73
C TYR A 88 18.18 -17.17 -13.30
N VAL A 89 17.84 -18.27 -13.97
CA VAL A 89 16.67 -19.03 -13.54
C VAL A 89 16.87 -19.60 -12.15
N ASN A 90 18.07 -20.15 -11.88
CA ASN A 90 18.33 -20.75 -10.58
C ASN A 90 18.24 -19.71 -9.47
N THR A 91 18.79 -18.52 -9.72
CA THR A 91 18.78 -17.47 -8.70
C THR A 91 17.39 -16.86 -8.56
N ASN A 92 16.59 -16.89 -9.63
CA ASN A 92 15.33 -16.16 -9.60
C ASN A 92 14.13 -17.08 -9.70
N VAL A 93 13.65 -17.33 -10.92
CA VAL A 93 12.37 -18.03 -11.06
C VAL A 93 12.48 -19.47 -10.55
N GLY A 94 13.67 -20.07 -10.64
CA GLY A 94 13.82 -21.42 -10.10
C GLY A 94 13.50 -21.48 -8.62
N LEU A 95 13.96 -20.50 -7.85
CA LEU A 95 13.67 -20.47 -6.42
C LEU A 95 12.19 -20.28 -6.16
N LYS A 96 11.52 -19.42 -6.94
CA LYS A 96 10.08 -19.29 -6.78
C LYS A 96 9.38 -20.63 -7.01
N PHE A 97 9.78 -21.36 -8.05
CA PHE A 97 9.10 -22.62 -8.34
C PHE A 97 9.53 -23.74 -7.40
N ARG A 98 10.76 -23.70 -6.88
CA ARG A 98 11.10 -24.66 -5.84
C ARG A 98 10.21 -24.47 -4.61
N GLN A 99 10.00 -23.21 -4.20
CA GLN A 99 9.09 -22.92 -3.10
C GLN A 99 7.69 -23.44 -3.39
N LEU A 100 7.17 -23.10 -4.58
CA LEU A 100 5.81 -23.43 -4.94
C LEU A 100 5.60 -24.94 -5.07
N LEU A 101 6.45 -25.61 -5.85
CA LEU A 101 6.27 -27.05 -6.05
C LEU A 101 6.40 -27.80 -4.73
N TRP A 102 7.40 -27.44 -3.92
CA TRP A 102 7.55 -28.08 -2.62
C TRP A 102 6.30 -27.91 -1.78
N PHE A 103 5.75 -26.69 -1.77
CA PHE A 103 4.60 -26.41 -0.92
C PHE A 103 3.41 -27.29 -1.27
N HIS A 104 3.07 -27.37 -2.57
CA HIS A 104 1.91 -28.16 -2.92
C HIS A 104 2.17 -29.66 -2.72
N ILE A 105 3.36 -30.14 -3.10
CA ILE A 105 3.66 -31.57 -2.96
C ILE A 105 3.65 -31.97 -1.49
N SER A 106 4.26 -31.16 -0.64
CA SER A 106 4.31 -31.51 0.78
C SER A 106 2.93 -31.39 1.43
N CYS A 107 2.12 -30.43 0.98
CA CYS A 107 0.77 -30.29 1.51
C CYS A 107 -0.09 -31.50 1.18
N LEU A 108 -0.01 -31.99 -0.07
CA LEU A 108 -0.75 -33.20 -0.44
C LEU A 108 -0.31 -34.39 0.40
N THR A 109 0.96 -34.40 0.79
CA THR A 109 1.52 -35.55 1.50
C THR A 109 1.28 -35.48 3.00
N PHE A 110 1.45 -34.30 3.60
CA PHE A 110 1.43 -34.19 5.05
C PHE A 110 0.33 -33.29 5.58
N GLY A 111 -0.36 -32.55 4.73
CA GLY A 111 -1.34 -31.63 5.25
C GLY A 111 -0.75 -30.25 5.50
N ARG A 112 -1.59 -29.24 5.29
CA ARG A 112 -1.15 -27.85 5.38
C ARG A 112 -0.57 -27.52 6.75
N GLU A 113 -1.26 -27.93 7.82
CA GLU A 113 -0.83 -27.52 9.15
C GLU A 113 0.56 -28.06 9.47
N THR A 114 0.84 -29.32 9.12
CA THR A 114 2.19 -29.86 9.29
C THR A 114 3.20 -29.08 8.48
N VAL A 115 2.86 -28.77 7.22
CA VAL A 115 3.78 -28.00 6.38
C VAL A 115 4.06 -26.64 6.99
N LEU A 116 3.02 -25.94 7.45
CA LEU A 116 3.24 -24.58 7.96
C LEU A 116 4.04 -24.61 9.24
N GLU A 117 3.74 -25.56 10.12
CA GLU A 117 4.54 -25.68 11.34
C GLU A 117 5.98 -26.03 11.03
N TYR A 118 6.23 -26.78 9.95
CA TYR A 118 7.58 -27.19 9.62
C TYR A 118 8.39 -26.06 9.01
N LEU A 119 7.73 -25.23 8.19
CA LEU A 119 8.38 -24.04 7.66
C LEU A 119 8.95 -23.19 8.78
N VAL A 120 8.20 -23.03 9.87
CA VAL A 120 8.65 -22.19 10.97
C VAL A 120 9.70 -22.93 11.80
N SER A 121 9.51 -24.24 11.99
CA SER A 121 10.50 -25.03 12.72
C SER A 121 11.86 -24.96 12.05
N PHE A 122 11.90 -25.27 10.76
CA PHE A 122 13.17 -25.26 10.07
C PHE A 122 13.70 -23.85 9.92
N GLY A 123 12.82 -22.88 9.66
CA GLY A 123 13.27 -21.51 9.50
C GLY A 123 13.95 -20.99 10.76
N VAL A 124 13.45 -21.38 11.92
CA VAL A 124 14.09 -20.98 13.17
C VAL A 124 15.37 -21.77 13.43
N TRP A 125 15.36 -23.08 13.15
CA TRP A 125 16.53 -23.92 13.39
C TRP A 125 17.75 -23.40 12.63
N ILE A 126 17.57 -23.07 11.35
CA ILE A 126 18.68 -22.68 10.49
C ILE A 126 19.22 -21.29 10.86
N ARG A 127 18.42 -20.45 11.52
CA ARG A 127 18.86 -19.15 12.01
C ARG A 127 19.48 -19.23 13.40
N THR A 128 19.45 -20.38 14.02
CA THR A 128 20.17 -20.53 15.28
C THR A 128 21.64 -20.84 14.96
N PRO A 129 22.58 -20.21 15.68
CA PRO A 129 24.01 -20.46 15.42
C PRO A 129 24.31 -21.95 15.42
N PRO A 130 25.08 -22.44 14.45
CA PRO A 130 25.27 -23.89 14.35
C PRO A 130 25.93 -24.49 15.58
N ALA A 131 26.82 -23.76 16.24
CA ALA A 131 27.43 -24.26 17.47
C ALA A 131 26.47 -24.27 18.66
N ALA A 132 25.29 -23.64 18.54
CA ALA A 132 24.33 -23.61 19.64
C ALA A 132 23.07 -24.44 19.37
N ARG A 133 22.95 -25.05 18.21
CA ARG A 133 21.69 -25.70 17.84
C ARG A 133 21.87 -27.21 17.73
N PRO A 134 20.78 -27.96 17.69
CA PRO A 134 20.85 -29.41 17.44
C PRO A 134 21.59 -29.73 16.14
N PRO A 135 22.39 -30.80 16.13
CA PRO A 135 23.18 -31.11 14.93
C PRO A 135 22.33 -31.43 13.73
N ASN A 136 21.14 -31.99 13.95
CA ASN A 136 20.28 -32.38 12.82
C ASN A 136 19.07 -31.48 12.73
N ALA A 137 18.61 -31.28 11.50
CA ALA A 137 17.44 -30.44 11.24
C ALA A 137 16.18 -31.10 11.81
N PRO A 138 15.10 -30.34 12.04
CA PRO A 138 13.82 -30.98 12.36
C PRO A 138 13.33 -31.77 11.14
N ILE A 139 12.34 -32.64 11.37
CA ILE A 139 11.91 -33.63 10.38
C ILE A 139 10.48 -33.32 10.00
N LEU A 140 10.22 -33.15 8.70
CA LEU A 140 8.88 -32.79 8.25
C LEU A 140 7.84 -33.81 8.71
N SER A 141 8.11 -35.10 8.50
CA SER A 141 7.09 -36.07 8.87
C SER A 141 6.95 -36.24 10.41
N THR A 142 7.68 -35.43 11.18
CA THR A 142 7.70 -35.48 12.65
C THR A 142 7.90 -36.90 13.15
N MET B 1 5.58 -36.96 -17.14
CA MET B 1 4.19 -36.62 -16.91
C MET B 1 3.61 -35.88 -18.12
N ASP B 2 2.40 -36.27 -18.51
CA ASP B 2 1.70 -35.69 -19.66
C ASP B 2 0.41 -35.08 -19.13
N ILE B 3 0.47 -33.78 -18.81
CA ILE B 3 -0.64 -33.05 -18.22
C ILE B 3 -1.26 -32.14 -19.26
N ASP B 4 -2.57 -32.23 -19.43
CA ASP B 4 -3.32 -31.28 -20.26
C ASP B 4 -4.07 -30.32 -19.36
N PRO B 5 -3.75 -29.03 -19.40
CA PRO B 5 -4.42 -28.09 -18.46
C PRO B 5 -5.92 -28.07 -18.55
N TYR B 6 -6.51 -28.46 -19.68
CA TYR B 6 -7.97 -28.42 -19.84
C TYR B 6 -8.68 -29.69 -19.41
N LYS B 7 -7.94 -30.79 -19.22
CA LYS B 7 -8.57 -32.09 -19.02
C LYS B 7 -9.48 -32.09 -17.79
N GLU B 8 -9.01 -31.54 -16.66
CA GLU B 8 -9.88 -31.49 -15.49
C GLU B 8 -11.07 -30.55 -15.68
N PHE B 9 -11.04 -29.70 -16.71
CA PHE B 9 -12.15 -28.82 -17.02
C PHE B 9 -12.97 -29.29 -18.22
N GLY B 10 -12.86 -30.57 -18.54
CA GLY B 10 -13.67 -31.16 -19.59
C GLY B 10 -13.33 -30.70 -20.98
N ALA B 11 -12.07 -30.37 -21.24
CA ALA B 11 -11.64 -29.96 -22.56
C ALA B 11 -10.23 -30.48 -22.82
N THR B 12 -9.65 -30.07 -23.94
CA THR B 12 -8.32 -30.51 -24.28
C THR B 12 -7.62 -29.40 -25.05
N VAL B 13 -6.28 -29.49 -25.06
CA VAL B 13 -5.46 -28.60 -25.88
C VAL B 13 -5.91 -28.65 -27.34
N GLU B 14 -6.15 -29.86 -27.87
CA GLU B 14 -6.57 -29.96 -29.27
C GLU B 14 -7.88 -29.23 -29.52
N LEU B 15 -8.81 -29.29 -28.56
CA LEU B 15 -10.09 -28.63 -28.76
C LEU B 15 -9.92 -27.11 -28.78
N LEU B 16 -9.13 -26.54 -27.87
CA LEU B 16 -8.90 -25.09 -27.91
C LEU B 16 -8.17 -24.68 -29.20
N SER B 17 -7.32 -25.57 -29.72
N SER B 17 -7.31 -25.55 -29.73
CA SER B 17 -6.60 -25.30 -30.96
CA SER B 17 -6.61 -25.21 -30.95
C SER B 17 -7.53 -25.16 -32.16
C SER B 17 -7.50 -25.27 -32.19
N PHE B 18 -8.78 -25.61 -32.03
CA PHE B 18 -9.73 -25.52 -33.14
C PHE B 18 -10.08 -24.07 -33.46
N LEU B 19 -9.87 -23.14 -32.50
CA LEU B 19 -10.12 -21.71 -32.75
C LEU B 19 -8.87 -21.05 -33.31
N PRO B 20 -8.98 -20.24 -34.35
CA PRO B 20 -7.79 -19.60 -34.92
C PRO B 20 -7.28 -18.52 -33.97
N SER B 21 -6.04 -18.12 -34.21
CA SER B 21 -5.40 -17.14 -33.32
C SER B 21 -6.22 -15.86 -33.26
N ASP B 22 -6.75 -15.43 -34.40
CA ASP B 22 -7.48 -14.16 -34.48
C ASP B 22 -8.76 -14.16 -33.65
N PHE B 23 -9.23 -15.33 -33.22
CA PHE B 23 -10.45 -15.38 -32.40
C PHE B 23 -10.25 -14.75 -31.03
N PHE B 24 -9.06 -14.87 -30.46
CA PHE B 24 -8.89 -14.57 -29.03
C PHE B 24 -8.52 -13.10 -28.82
N PRO B 25 -9.04 -12.50 -27.75
CA PRO B 25 -8.52 -11.19 -27.33
C PRO B 25 -7.04 -11.30 -27.02
N SER B 26 -6.38 -10.15 -26.96
CA SER B 26 -4.97 -10.11 -26.56
C SER B 26 -4.83 -10.49 -25.08
N VAL B 27 -3.61 -10.87 -24.69
CA VAL B 27 -3.36 -11.19 -23.28
C VAL B 27 -3.67 -9.97 -22.40
N ARG B 28 -3.16 -8.80 -22.78
CA ARG B 28 -3.45 -7.59 -22.02
C ARG B 28 -4.95 -7.41 -21.81
N ASP B 29 -5.74 -7.54 -22.90
CA ASP B 29 -7.18 -7.37 -22.79
C ASP B 29 -7.84 -8.47 -21.96
N LEU B 30 -7.31 -9.70 -22.02
CA LEU B 30 -7.80 -10.75 -21.14
C LEU B 30 -7.46 -10.44 -19.68
N LEU B 31 -6.24 -9.96 -19.42
CA LEU B 31 -5.87 -9.60 -18.04
C LEU B 31 -6.74 -8.46 -17.52
N ASP B 32 -6.97 -7.43 -18.33
CA ASP B 32 -7.83 -6.34 -17.89
C ASP B 32 -9.24 -6.83 -17.58
N THR B 33 -9.76 -7.76 -18.40
CA THR B 33 -11.11 -8.28 -18.18
C THR B 33 -11.17 -9.13 -16.91
N ALA B 34 -10.17 -10.00 -16.68
CA ALA B 34 -10.16 -10.79 -15.44
C ALA B 34 -10.23 -9.88 -14.23
N ALA B 35 -9.48 -8.77 -14.27
CA ALA B 35 -9.52 -7.78 -13.20
C ALA B 35 -10.88 -7.15 -13.05
N ALA B 36 -11.47 -6.71 -14.17
CA ALA B 36 -12.74 -5.97 -14.11
C ALA B 36 -13.86 -6.83 -13.54
N LEU B 37 -13.88 -8.12 -13.87
CA LEU B 37 -14.97 -8.99 -13.48
C LEU B 37 -14.70 -9.76 -12.19
N TYR B 38 -13.45 -10.16 -11.93
CA TYR B 38 -13.17 -11.13 -10.88
C TYR B 38 -12.03 -10.72 -9.94
N ARG B 39 -11.65 -9.44 -9.91
CA ARG B 39 -10.47 -9.06 -9.11
C ARG B 39 -10.61 -9.49 -7.66
N ASP B 40 -11.78 -9.25 -7.07
CA ASP B 40 -11.95 -9.52 -5.64
C ASP B 40 -11.90 -11.00 -5.35
N ALA B 41 -12.55 -11.82 -6.17
CA ALA B 41 -12.47 -13.27 -6.01
C ALA B 41 -11.06 -13.77 -6.23
N LEU B 42 -10.38 -13.25 -7.26
CA LEU B 42 -9.04 -13.74 -7.56
C LEU B 42 -8.07 -13.45 -6.42
N GLU B 43 -8.23 -12.30 -5.76
CA GLU B 43 -7.35 -11.91 -4.69
C GLU B 43 -7.78 -12.44 -3.33
N SER B 44 -8.89 -13.18 -3.26
CA SER B 44 -9.44 -13.54 -1.96
C SER B 44 -8.76 -14.78 -1.40
N PRO B 45 -8.83 -15.00 -0.08
CA PRO B 45 -8.30 -16.23 0.50
C PRO B 45 -9.17 -17.45 0.27
N GLU B 46 -10.28 -17.31 -0.46
CA GLU B 46 -11.15 -18.46 -0.70
C GLU B 46 -10.82 -19.05 -2.05
N HIS B 47 -10.79 -20.38 -2.12
CA HIS B 47 -10.52 -21.07 -3.39
C HIS B 47 -11.47 -20.60 -4.48
N CYS B 48 -12.76 -20.47 -4.13
CA CYS B 48 -13.87 -20.08 -5.02
C CYS B 48 -14.24 -21.19 -5.99
N SER B 49 -13.33 -21.60 -6.86
CA SER B 49 -13.60 -22.66 -7.82
C SER B 49 -12.28 -23.11 -8.43
N PRO B 50 -12.25 -24.31 -9.06
CA PRO B 50 -11.04 -24.72 -9.76
C PRO B 50 -10.63 -23.74 -10.86
N HIS B 51 -11.60 -23.13 -11.55
CA HIS B 51 -11.29 -22.07 -12.52
C HIS B 51 -10.59 -20.89 -11.87
N HIS B 52 -11.05 -20.48 -10.69
CA HIS B 52 -10.36 -19.41 -9.99
C HIS B 52 -8.92 -19.81 -9.71
N THR B 53 -8.73 -21.00 -9.13
CA THR B 53 -7.38 -21.49 -8.84
C THR B 53 -6.51 -21.49 -10.09
N ALA B 54 -7.04 -22.07 -11.18
CA ALA B 54 -6.24 -22.16 -12.41
C ALA B 54 -5.91 -20.78 -12.94
N LEU B 55 -6.91 -19.89 -13.00
CA LEU B 55 -6.71 -18.55 -13.53
C LEU B 55 -5.69 -17.77 -12.70
N ARG B 56 -5.75 -17.91 -11.36
CA ARG B 56 -4.73 -17.31 -10.52
C ARG B 56 -3.33 -17.71 -10.97
N GLN B 57 -3.11 -19.01 -11.24
CA GLN B 57 -1.75 -19.43 -11.60
C GLN B 57 -1.39 -18.93 -13.00
N ALA B 58 -2.34 -19.00 -13.94
CA ALA B 58 -2.09 -18.55 -15.31
C ALA B 58 -1.66 -17.09 -15.34
N ILE B 59 -2.33 -16.23 -14.57
CA ILE B 59 -1.96 -14.82 -14.51
C ILE B 59 -0.53 -14.68 -13.99
N LEU B 60 -0.22 -15.36 -12.88
CA LEU B 60 1.12 -15.25 -12.32
C LEU B 60 2.18 -15.88 -13.22
N CYS B 61 1.85 -16.98 -13.90
CA CYS B 61 2.79 -17.56 -14.84
C CYS B 61 3.12 -16.59 -15.96
N TRP B 62 2.10 -15.91 -16.50
CA TRP B 62 2.36 -14.92 -17.54
C TRP B 62 3.32 -13.84 -17.04
N GLY B 63 3.11 -13.36 -15.80
CA GLY B 63 4.08 -12.46 -15.19
C GLY B 63 5.50 -13.03 -15.19
N ASP B 64 5.65 -14.29 -14.74
CA ASP B 64 6.96 -14.94 -14.78
C ASP B 64 7.55 -14.94 -16.19
N LEU B 65 6.74 -15.34 -17.18
CA LEU B 65 7.21 -15.42 -18.55
C LEU B 65 7.65 -14.05 -19.06
N MET B 66 6.88 -13.01 -18.77
CA MET B 66 7.24 -11.68 -19.24
C MET B 66 8.50 -11.18 -18.53
N THR B 67 8.64 -11.48 -17.23
CA THR B 67 9.86 -11.13 -16.53
C THR B 67 11.08 -11.77 -17.19
N LEU B 68 11.00 -13.08 -17.48
CA LEU B 68 12.13 -13.74 -18.11
C LEU B 68 12.41 -13.18 -19.50
N ALA B 69 11.36 -13.02 -20.31
CA ALA B 69 11.52 -12.51 -21.68
C ALA B 69 12.05 -11.08 -21.68
N THR B 70 11.59 -10.26 -20.74
CA THR B 70 12.13 -8.90 -20.65
C THR B 70 13.59 -8.91 -20.25
N TRP B 71 13.94 -9.71 -19.23
CA TRP B 71 15.34 -9.78 -18.82
C TRP B 71 16.22 -10.29 -19.95
N VAL B 72 15.74 -11.29 -20.69
CA VAL B 72 16.47 -11.78 -21.86
C VAL B 72 16.57 -10.68 -22.92
N GLY B 73 15.46 -9.98 -23.17
CA GLY B 73 15.51 -8.98 -24.23
C GLY B 73 16.41 -7.81 -23.90
N THR B 74 16.51 -7.43 -22.62
CA THR B 74 17.33 -6.28 -22.29
C THR B 74 18.82 -6.62 -22.22
N ASN B 75 19.20 -7.89 -22.31
CA ASN B 75 20.60 -8.28 -22.28
C ASN B 75 21.07 -8.88 -23.58
N LEU B 76 20.27 -8.77 -24.64
CA LEU B 76 20.70 -9.18 -25.96
C LEU B 76 21.30 -7.97 -26.65
N GLU B 77 22.50 -8.15 -27.22
CA GLU B 77 23.13 -7.05 -27.92
C GLU B 77 22.38 -6.72 -29.21
N ASP B 78 21.90 -7.73 -29.92
CA ASP B 78 21.35 -7.50 -31.25
C ASP B 78 19.89 -7.10 -31.13
N PRO B 79 19.51 -5.87 -31.52
CA PRO B 79 18.10 -5.48 -31.43
C PRO B 79 17.20 -6.16 -32.45
N ALA B 80 17.76 -7.03 -33.29
CA ALA B 80 16.95 -7.86 -34.16
C ALA B 80 16.65 -9.19 -33.49
N SER B 81 17.45 -9.58 -32.50
CA SER B 81 17.12 -10.74 -31.68
C SER B 81 16.06 -10.37 -30.66
N ARG B 82 16.06 -9.12 -30.20
CA ARG B 82 15.03 -8.66 -29.27
C ARG B 82 13.64 -8.76 -29.90
N ASP B 83 13.48 -8.21 -31.11
CA ASP B 83 12.22 -8.34 -31.82
C ASP B 83 11.89 -9.80 -32.10
N LEU B 84 12.92 -10.63 -32.25
CA LEU B 84 12.69 -12.06 -32.43
C LEU B 84 12.09 -12.66 -31.16
N VAL B 85 12.55 -12.22 -30.00
CA VAL B 85 11.95 -12.65 -28.74
C VAL B 85 10.50 -12.22 -28.67
N VAL B 86 10.21 -10.98 -29.05
CA VAL B 86 8.83 -10.49 -29.06
C VAL B 86 7.96 -11.35 -29.97
N SER B 87 8.45 -11.66 -31.16
CA SER B 87 7.69 -12.47 -32.10
C SER B 87 7.46 -13.88 -31.58
N TYR B 88 8.47 -14.47 -30.93
CA TYR B 88 8.33 -15.82 -30.41
C TYR B 88 7.26 -15.89 -29.33
N VAL B 89 7.17 -14.86 -28.49
CA VAL B 89 6.11 -14.80 -27.49
C VAL B 89 4.74 -14.73 -28.15
N ASN B 90 4.58 -13.83 -29.12
CA ASN B 90 3.26 -13.65 -29.75
C ASN B 90 2.83 -14.91 -30.50
N THR B 91 3.73 -15.52 -31.25
CA THR B 91 3.35 -16.66 -32.08
C THR B 91 3.19 -17.95 -31.28
N ASN B 92 3.86 -18.05 -30.15
CA ASN B 92 3.87 -19.31 -29.40
C ASN B 92 3.20 -19.14 -28.05
N VAL B 93 3.96 -18.78 -27.01
CA VAL B 93 3.40 -18.82 -25.66
C VAL B 93 2.28 -17.80 -25.49
N GLY B 94 2.35 -16.67 -26.20
CA GLY B 94 1.25 -15.70 -26.12
C GLY B 94 -0.07 -16.30 -26.56
N LEU B 95 -0.06 -17.08 -27.65
CA LEU B 95 -1.29 -17.72 -28.11
C LEU B 95 -1.77 -18.77 -27.12
N LYS B 96 -0.86 -19.54 -26.53
CA LYS B 96 -1.26 -20.51 -25.53
C LYS B 96 -1.96 -19.83 -24.36
N PHE B 97 -1.44 -18.69 -23.91
CA PHE B 97 -2.07 -18.02 -22.77
C PHE B 97 -3.34 -17.27 -23.16
N ARG B 98 -3.45 -16.80 -24.40
CA ARG B 98 -4.74 -16.27 -24.83
C ARG B 98 -5.81 -17.35 -24.76
N GLN B 99 -5.49 -18.56 -25.24
CA GLN B 99 -6.44 -19.66 -25.15
C GLN B 99 -6.84 -19.94 -23.72
N LEU B 100 -5.83 -20.10 -22.85
CA LEU B 100 -6.06 -20.48 -21.45
C LEU B 100 -6.81 -19.39 -20.70
N LEU B 101 -6.34 -18.15 -20.78
CA LEU B 101 -7.03 -17.06 -20.06
C LEU B 101 -8.46 -16.90 -20.56
N TRP B 102 -8.65 -16.89 -21.88
CA TRP B 102 -10.01 -16.80 -22.41
C TRP B 102 -10.87 -17.94 -21.87
N PHE B 103 -10.32 -19.16 -21.86
CA PHE B 103 -11.13 -20.31 -21.45
C PHE B 103 -11.64 -20.17 -20.03
N HIS B 104 -10.75 -19.84 -19.09
CA HIS B 104 -11.19 -19.77 -17.71
C HIS B 104 -12.10 -18.59 -17.49
N ILE B 105 -11.79 -17.44 -18.08
CA ILE B 105 -12.62 -16.25 -17.85
C ILE B 105 -14.03 -16.49 -18.40
N SER B 106 -14.12 -17.06 -19.60
CA SER B 106 -15.42 -17.28 -20.22
C SER B 106 -16.21 -18.36 -19.50
N CYS B 107 -15.53 -19.40 -18.99
CA CYS B 107 -16.21 -20.43 -18.21
C CYS B 107 -16.82 -19.84 -16.95
N LEU B 108 -16.06 -18.99 -16.24
CA LEU B 108 -16.60 -18.36 -15.04
C LEU B 108 -17.82 -17.51 -15.38
N THR B 109 -17.84 -16.92 -16.57
CA THR B 109 -18.91 -15.99 -16.91
C THR B 109 -20.14 -16.67 -17.47
N PHE B 110 -19.96 -17.69 -18.32
CA PHE B 110 -21.06 -18.32 -19.03
C PHE B 110 -21.21 -19.80 -18.73
N GLY B 111 -20.24 -20.42 -18.07
CA GLY B 111 -20.35 -21.85 -17.81
C GLY B 111 -19.69 -22.68 -18.89
N ARG B 112 -19.21 -23.86 -18.48
CA ARG B 112 -18.41 -24.73 -19.34
C ARG B 112 -19.15 -25.11 -20.62
N GLU B 113 -20.43 -25.53 -20.50
CA GLU B 113 -21.10 -26.05 -21.69
C GLU B 113 -21.31 -24.98 -22.74
N THR B 114 -21.69 -23.76 -22.33
CA THR B 114 -21.82 -22.68 -23.29
C THR B 114 -20.49 -22.42 -24.00
N VAL B 115 -19.40 -22.44 -23.25
CA VAL B 115 -18.08 -22.16 -23.81
C VAL B 115 -17.69 -23.22 -24.84
N LEU B 116 -17.91 -24.49 -24.51
CA LEU B 116 -17.45 -25.55 -25.40
C LEU B 116 -18.29 -25.60 -26.67
N GLU B 117 -19.60 -25.38 -26.57
CA GLU B 117 -20.41 -25.31 -27.77
C GLU B 117 -20.06 -24.09 -28.61
N TYR B 118 -19.75 -22.96 -27.96
CA TYR B 118 -19.35 -21.79 -28.72
C TYR B 118 -18.03 -22.01 -29.43
N LEU B 119 -17.10 -22.72 -28.77
CA LEU B 119 -15.83 -23.08 -29.41
C LEU B 119 -16.06 -23.77 -30.75
N VAL B 120 -16.95 -24.76 -30.76
CA VAL B 120 -17.26 -25.49 -32.00
C VAL B 120 -18.06 -24.62 -32.95
N SER B 121 -19.01 -23.84 -32.43
CA SER B 121 -19.81 -22.96 -33.29
C SER B 121 -18.92 -21.99 -34.07
N PHE B 122 -18.06 -21.28 -33.36
CA PHE B 122 -17.21 -20.31 -34.04
C PHE B 122 -16.19 -21.02 -34.91
N GLY B 123 -15.66 -22.15 -34.44
CA GLY B 123 -14.67 -22.87 -35.23
C GLY B 123 -15.23 -23.32 -36.56
N VAL B 124 -16.50 -23.73 -36.59
CA VAL B 124 -17.13 -24.12 -37.84
C VAL B 124 -17.48 -22.89 -38.69
N TRP B 125 -17.98 -21.83 -38.06
CA TRP B 125 -18.33 -20.61 -38.80
C TRP B 125 -17.11 -20.05 -39.52
N ILE B 126 -15.98 -19.96 -38.83
CA ILE B 126 -14.80 -19.36 -39.45
C ILE B 126 -14.22 -20.24 -40.55
N ARG B 127 -14.50 -21.54 -40.55
CA ARG B 127 -14.04 -22.43 -41.60
C ARG B 127 -14.99 -22.51 -42.79
N THR B 128 -16.14 -21.87 -42.69
CA THR B 128 -17.06 -21.79 -43.81
C THR B 128 -16.63 -20.64 -44.73
N PRO B 129 -16.64 -20.84 -46.04
CA PRO B 129 -16.25 -19.76 -46.95
C PRO B 129 -17.05 -18.50 -46.66
N PRO B 130 -16.39 -17.34 -46.58
CA PRO B 130 -17.12 -16.12 -46.17
C PRO B 130 -18.28 -15.79 -47.08
N ALA B 131 -18.20 -16.13 -48.37
CA ALA B 131 -19.33 -15.87 -49.25
C ALA B 131 -20.51 -16.81 -49.01
N ALA B 132 -20.33 -17.88 -48.23
CA ALA B 132 -21.39 -18.84 -47.96
C ALA B 132 -21.93 -18.80 -46.53
N ARG B 133 -21.37 -17.99 -45.67
CA ARG B 133 -21.72 -18.08 -44.27
C ARG B 133 -22.47 -16.82 -43.84
N PRO B 134 -23.12 -16.86 -42.68
CA PRO B 134 -23.73 -15.64 -42.15
C PRO B 134 -22.70 -14.55 -42.00
N PRO B 135 -23.07 -13.29 -42.26
CA PRO B 135 -22.08 -12.21 -42.21
C PRO B 135 -21.47 -12.00 -40.85
N ASN B 136 -22.21 -12.25 -39.78
CA ASN B 136 -21.71 -11.98 -38.43
C ASN B 136 -21.36 -13.29 -37.74
N ALA B 137 -20.35 -13.23 -36.87
CA ALA B 137 -19.96 -14.41 -36.10
C ALA B 137 -21.08 -14.81 -35.15
N PRO B 138 -21.10 -16.06 -34.70
CA PRO B 138 -22.01 -16.41 -33.61
C PRO B 138 -21.57 -15.70 -32.32
N ILE B 139 -22.48 -15.67 -31.35
CA ILE B 139 -22.36 -14.84 -30.17
C ILE B 139 -22.33 -15.74 -28.95
N LEU B 140 -21.30 -15.59 -28.13
CA LEU B 140 -21.08 -16.49 -26.99
C LEU B 140 -22.26 -16.46 -26.02
N SER B 141 -22.75 -15.27 -25.69
CA SER B 141 -23.79 -15.15 -24.66
C SER B 141 -25.15 -15.62 -25.11
N THR B 142 -25.37 -15.86 -26.40
CA THR B 142 -26.65 -16.39 -26.88
C THR B 142 -26.60 -17.91 -27.03
N MET C 1 -3.92 11.94 1.93
CA MET C 1 -5.21 11.34 1.66
C MET C 1 -5.29 10.76 0.26
N ASP C 2 -5.92 9.59 0.16
CA ASP C 2 -6.10 8.91 -1.12
C ASP C 2 -7.60 8.79 -1.36
N ILE C 3 -8.14 9.74 -2.11
CA ILE C 3 -9.56 9.82 -2.37
C ILE C 3 -9.79 9.35 -3.79
N ASP C 4 -10.70 8.39 -3.94
CA ASP C 4 -11.19 7.95 -5.25
C ASP C 4 -12.55 8.59 -5.48
N PRO C 5 -12.70 9.47 -6.45
CA PRO C 5 -14.01 10.14 -6.64
C PRO C 5 -15.16 9.20 -6.86
N TYR C 6 -14.91 7.98 -7.35
CA TYR C 6 -16.01 7.07 -7.65
C TYR C 6 -16.41 6.19 -6.48
N LYS C 7 -15.59 6.11 -5.42
CA LYS C 7 -15.79 5.12 -4.36
C LYS C 7 -17.15 5.31 -3.66
N GLU C 8 -17.51 6.56 -3.32
CA GLU C 8 -18.81 6.75 -2.69
C GLU C 8 -19.98 6.47 -3.64
N PHE C 9 -19.71 6.35 -4.94
CA PHE C 9 -20.73 6.00 -5.92
C PHE C 9 -20.61 4.55 -6.38
N GLY C 10 -19.91 3.70 -5.62
CA GLY C 10 -19.84 2.28 -5.94
C GLY C 10 -19.02 1.94 -7.16
N ALA C 11 -17.99 2.74 -7.46
CA ALA C 11 -17.12 2.49 -8.60
C ALA C 11 -15.70 2.87 -8.20
N THR C 12 -14.79 2.81 -9.18
CA THR C 12 -13.39 3.11 -8.89
C THR C 12 -12.76 3.73 -10.11
N VAL C 13 -11.63 4.39 -9.87
CA VAL C 13 -10.82 4.91 -10.97
C VAL C 13 -10.43 3.80 -11.95
N GLU C 14 -10.03 2.64 -11.44
CA GLU C 14 -9.57 1.58 -12.35
C GLU C 14 -10.73 1.00 -13.16
N LEU C 15 -11.90 0.87 -12.55
CA LEU C 15 -13.06 0.40 -13.29
C LEU C 15 -13.42 1.34 -14.45
N LEU C 16 -13.40 2.66 -14.21
CA LEU C 16 -13.65 3.59 -15.32
C LEU C 16 -12.57 3.52 -16.39
N SER C 17 -11.33 3.17 -15.98
N SER C 17 -11.34 3.17 -15.99
CA SER C 17 -10.23 3.03 -16.91
CA SER C 17 -10.26 3.07 -16.96
C SER C 17 -10.42 1.84 -17.85
C SER C 17 -10.37 1.81 -17.82
N PHE C 18 -11.34 0.92 -17.51
CA PHE C 18 -11.58 -0.24 -18.38
C PHE C 18 -12.10 0.18 -19.75
N LEU C 19 -12.79 1.35 -19.83
CA LEU C 19 -13.31 1.88 -21.08
C LEU C 19 -12.22 2.64 -21.83
N PRO C 20 -12.11 2.46 -23.14
CA PRO C 20 -11.09 3.20 -23.89
C PRO C 20 -11.47 4.68 -24.01
N SER C 21 -10.46 5.50 -24.32
CA SER C 21 -10.70 6.95 -24.40
C SER C 21 -11.72 7.28 -25.47
N ASP C 22 -11.67 6.57 -26.61
CA ASP C 22 -12.60 6.82 -27.71
C ASP C 22 -14.04 6.56 -27.34
N PHE C 23 -14.29 5.84 -26.23
CA PHE C 23 -15.67 5.59 -25.83
C PHE C 23 -16.38 6.86 -25.40
N PHE C 24 -15.64 7.83 -24.79
CA PHE C 24 -16.35 8.90 -24.10
C PHE C 24 -16.62 10.09 -25.03
N PRO C 25 -17.79 10.72 -24.90
CA PRO C 25 -17.99 12.01 -25.55
C PRO C 25 -16.96 13.01 -25.08
N SER C 26 -16.85 14.10 -25.83
CA SER C 26 -15.98 15.20 -25.45
C SER C 26 -16.53 15.92 -24.21
N VAL C 27 -15.65 16.64 -23.53
CA VAL C 27 -16.07 17.43 -22.37
C VAL C 27 -17.13 18.45 -22.77
N ARG C 28 -16.93 19.14 -23.88
CA ARG C 28 -17.95 20.11 -24.32
C ARG C 28 -19.30 19.43 -24.51
N ASP C 29 -19.33 18.28 -25.20
CA ASP C 29 -20.60 17.59 -25.44
C ASP C 29 -21.22 17.07 -24.17
N LEU C 30 -20.39 16.63 -23.21
CA LEU C 30 -20.93 16.28 -21.90
C LEU C 30 -21.49 17.51 -21.17
N LEU C 31 -20.78 18.64 -21.22
CA LEU C 31 -21.28 19.88 -20.59
C LEU C 31 -22.59 20.35 -21.20
N ASP C 32 -22.69 20.32 -22.56
CA ASP C 32 -23.95 20.64 -23.26
C ASP C 32 -25.06 19.73 -22.78
N THR C 33 -24.74 18.45 -22.58
CA THR C 33 -25.74 17.45 -22.25
C THR C 33 -26.22 17.60 -20.81
N ALA C 34 -25.28 17.87 -19.88
CA ALA C 34 -25.70 18.15 -18.51
C ALA C 34 -26.61 19.35 -18.48
N ALA C 35 -26.27 20.38 -19.25
CA ALA C 35 -27.12 21.56 -19.33
C ALA C 35 -28.50 21.23 -19.90
N ALA C 36 -28.55 20.48 -21.01
CA ALA C 36 -29.83 20.22 -21.66
C ALA C 36 -30.74 19.38 -20.78
N LEU C 37 -30.17 18.43 -20.03
CA LEU C 37 -30.98 17.52 -19.22
C LEU C 37 -31.20 17.98 -17.79
N TYR C 38 -30.21 18.63 -17.18
CA TYR C 38 -30.22 18.86 -15.74
C TYR C 38 -29.93 20.29 -15.34
N ARG C 39 -30.05 21.25 -16.27
CA ARG C 39 -29.62 22.60 -15.92
C ARG C 39 -30.35 23.12 -14.67
N ASP C 40 -31.66 22.88 -14.60
CA ASP C 40 -32.46 23.48 -13.54
C ASP C 40 -32.13 22.85 -12.19
N ALA C 41 -32.00 21.53 -12.14
CA ALA C 41 -31.60 20.88 -10.90
C ALA C 41 -30.20 21.31 -10.48
N LEU C 42 -29.28 21.40 -11.44
CA LEU C 42 -27.91 21.76 -11.08
C LEU C 42 -27.81 23.17 -10.51
N GLU C 43 -28.68 24.08 -10.97
CA GLU C 43 -28.67 25.47 -10.52
C GLU C 43 -29.57 25.73 -9.32
N SER C 44 -30.26 24.70 -8.79
CA SER C 44 -31.25 24.91 -7.74
C SER C 44 -30.61 24.93 -6.35
N PRO C 45 -31.32 25.46 -5.35
CA PRO C 45 -30.82 25.38 -3.96
C PRO C 45 -31.01 24.01 -3.32
N GLU C 46 -31.51 23.03 -4.05
CA GLU C 46 -31.70 21.67 -3.53
C GLU C 46 -30.48 20.83 -3.86
N HIS C 47 -30.01 20.06 -2.88
CA HIS C 47 -28.92 19.14 -3.13
C HIS C 47 -29.27 18.22 -4.31
N CYS C 48 -30.49 17.69 -4.30
CA CYS C 48 -31.01 16.74 -5.30
C CYS C 48 -30.41 15.36 -5.13
N SER C 49 -29.09 15.22 -5.23
CA SER C 49 -28.49 13.91 -5.06
C SER C 49 -26.98 14.07 -4.92
N PRO C 50 -26.30 13.04 -4.41
CA PRO C 50 -24.83 13.07 -4.42
C PRO C 50 -24.24 13.24 -5.79
N HIS C 51 -24.84 12.61 -6.83
CA HIS C 51 -24.39 12.81 -8.19
C HIS C 51 -24.53 14.27 -8.61
N HIS C 52 -25.62 14.92 -8.24
CA HIS C 52 -25.78 16.35 -8.52
C HIS C 52 -24.68 17.16 -7.85
N THR C 53 -24.45 16.93 -6.57
CA THR C 53 -23.39 17.63 -5.85
C THR C 53 -22.04 17.43 -6.54
N ALA C 54 -21.70 16.19 -6.89
CA ALA C 54 -20.42 15.92 -7.53
C ALA C 54 -20.32 16.60 -8.88
N LEU C 55 -21.36 16.46 -9.69
CA LEU C 55 -21.35 17.02 -11.03
C LEU C 55 -21.22 18.53 -10.99
N ARG C 56 -21.89 19.18 -10.03
CA ARG C 56 -21.70 20.62 -9.83
C ARG C 56 -20.22 20.96 -9.66
N GLN C 57 -19.51 20.20 -8.81
CA GLN C 57 -18.12 20.53 -8.56
C GLN C 57 -17.25 20.23 -9.76
N ALA C 58 -17.51 19.08 -10.43
CA ALA C 58 -16.77 18.72 -11.62
C ALA C 58 -16.89 19.79 -12.70
N ILE C 59 -18.11 20.28 -12.93
CA ILE C 59 -18.30 21.34 -13.92
C ILE C 59 -17.48 22.56 -13.56
N LEU C 60 -17.56 23.00 -12.29
CA LEU C 60 -16.84 24.20 -11.92
C LEU C 60 -15.34 23.98 -11.98
N CYS C 61 -14.89 22.78 -11.61
CA CYS C 61 -13.46 22.49 -11.65
C CYS C 61 -12.92 22.59 -13.08
N TRP C 62 -13.68 22.06 -14.04
CA TRP C 62 -13.25 22.17 -15.42
C TRP C 62 -13.10 23.61 -15.82
N GLY C 63 -14.06 24.46 -15.41
CA GLY C 63 -13.92 25.90 -15.57
C GLY C 63 -12.63 26.44 -14.97
N ASP C 64 -12.33 26.04 -13.73
CA ASP C 64 -11.05 26.42 -13.12
C ASP C 64 -9.88 26.00 -14.01
N LEU C 65 -9.87 24.74 -14.43
CA LEU C 65 -8.76 24.22 -15.23
C LEU C 65 -8.65 24.95 -16.57
N MET C 66 -9.78 25.17 -17.24
CA MET C 66 -9.72 25.85 -18.54
C MET C 66 -9.32 27.31 -18.40
N THR C 67 -9.76 27.97 -17.34
CA THR C 67 -9.31 29.34 -17.11
C THR C 67 -7.79 29.40 -16.98
N LEU C 68 -7.21 28.50 -16.19
CA LEU C 68 -5.76 28.49 -16.03
C LEU C 68 -5.08 28.16 -17.36
N ALA C 69 -5.55 27.11 -18.05
CA ALA C 69 -4.94 26.71 -19.31
C ALA C 69 -5.12 27.78 -20.37
N THR C 70 -6.28 28.43 -20.41
CA THR C 70 -6.49 29.52 -21.37
C THR C 70 -5.59 30.69 -21.04
N TRP C 71 -5.46 31.04 -19.74
CA TRP C 71 -4.57 32.12 -19.36
C TRP C 71 -3.13 31.80 -19.75
N VAL C 72 -2.70 30.56 -19.54
CA VAL C 72 -1.39 30.15 -20.03
C VAL C 72 -1.37 30.13 -21.56
N GLY C 73 -2.40 29.53 -22.16
CA GLY C 73 -2.40 29.34 -23.61
C GLY C 73 -2.47 30.62 -24.41
N THR C 74 -3.11 31.66 -23.86
CA THR C 74 -3.21 32.93 -24.54
C THR C 74 -1.94 33.76 -24.42
N ASN C 75 -0.95 33.26 -23.68
CA ASN C 75 0.29 34.01 -23.44
C ASN C 75 1.53 33.34 -24.04
N LEU C 76 1.36 32.35 -24.89
CA LEU C 76 2.47 31.84 -25.70
C LEU C 76 2.42 32.38 -27.12
N GLU C 77 3.57 32.34 -27.77
CA GLU C 77 3.75 32.86 -29.11
C GLU C 77 3.99 31.78 -30.16
N ASP C 78 4.47 30.62 -29.76
CA ASP C 78 4.78 29.55 -30.69
C ASP C 78 3.55 28.65 -30.86
N PRO C 79 3.00 28.52 -32.08
CA PRO C 79 1.81 27.68 -32.25
C PRO C 79 2.05 26.19 -32.12
N ALA C 80 3.29 25.76 -31.88
CA ALA C 80 3.53 24.36 -31.54
C ALA C 80 3.58 24.17 -30.03
N SER C 81 3.83 25.24 -29.28
CA SER C 81 3.73 25.21 -27.83
C SER C 81 2.28 25.35 -27.37
N ARG C 82 1.48 26.16 -28.08
CA ARG C 82 0.06 26.26 -27.75
C ARG C 82 -0.62 24.91 -27.93
N ASP C 83 -0.42 24.26 -29.07
CA ASP C 83 -0.97 22.94 -29.30
C ASP C 83 -0.45 21.91 -28.30
N LEU C 84 0.75 22.14 -27.74
CA LEU C 84 1.28 21.23 -26.74
C LEU C 84 0.44 21.23 -25.48
N VAL C 85 -0.07 22.40 -25.08
CA VAL C 85 -1.00 22.47 -23.96
C VAL C 85 -2.28 21.71 -24.29
N VAL C 86 -2.82 21.94 -25.49
CA VAL C 86 -4.04 21.24 -25.91
C VAL C 86 -3.84 19.74 -25.87
N SER C 87 -2.70 19.25 -26.36
CA SER C 87 -2.45 17.81 -26.33
C SER C 87 -2.32 17.31 -24.89
N TYR C 88 -1.65 18.07 -24.03
CA TYR C 88 -1.50 17.63 -22.64
C TYR C 88 -2.84 17.57 -21.93
N VAL C 89 -3.71 18.56 -22.16
CA VAL C 89 -5.06 18.52 -21.59
C VAL C 89 -5.83 17.32 -22.13
N ASN C 90 -5.81 17.12 -23.45
CA ASN C 90 -6.58 16.03 -24.03
C ASN C 90 -6.11 14.67 -23.51
N THR C 91 -4.79 14.48 -23.41
CA THR C 91 -4.26 13.18 -23.01
C THR C 91 -4.41 12.93 -21.52
N ASN C 92 -4.47 13.98 -20.70
CA ASN C 92 -4.48 13.77 -19.26
C ASN C 92 -5.78 14.22 -18.61
N VAL C 93 -5.83 15.49 -18.18
CA VAL C 93 -6.98 15.89 -17.36
C VAL C 93 -8.27 15.85 -18.18
N GLY C 94 -8.19 16.08 -19.49
CA GLY C 94 -9.38 15.98 -20.33
C GLY C 94 -10.02 14.60 -20.27
N LEU C 95 -9.21 13.55 -20.34
CA LEU C 95 -9.77 12.20 -20.26
C LEU C 95 -10.38 11.95 -18.89
N LYS C 96 -9.73 12.45 -17.82
CA LYS C 96 -10.26 12.24 -16.49
C LYS C 96 -11.66 12.83 -16.35
N PHE C 97 -11.86 14.05 -16.86
CA PHE C 97 -13.16 14.70 -16.73
C PHE C 97 -14.19 14.14 -17.70
N ARG C 98 -13.75 13.64 -18.86
CA ARG C 98 -14.70 12.91 -19.69
C ARG C 98 -15.22 11.69 -18.97
N GLN C 99 -14.32 10.95 -18.31
CA GLN C 99 -14.74 9.79 -17.52
C GLN C 99 -15.72 10.19 -16.44
N LEU C 100 -15.36 11.21 -15.64
CA LEU C 100 -16.16 11.65 -14.50
C LEU C 100 -17.51 12.22 -14.91
N LEU C 101 -17.51 13.18 -15.85
CA LEU C 101 -18.76 13.81 -16.27
C LEU C 101 -19.72 12.79 -16.89
N TRP C 102 -19.21 11.91 -17.75
CA TRP C 102 -20.07 10.87 -18.32
C TRP C 102 -20.67 10.01 -17.22
N PHE C 103 -19.86 9.65 -16.22
CA PHE C 103 -20.33 8.77 -15.17
C PHE C 103 -21.50 9.38 -14.42
N HIS C 104 -21.36 10.64 -13.99
CA HIS C 104 -22.42 11.22 -13.20
C HIS C 104 -23.65 11.50 -14.05
N ILE C 105 -23.45 11.99 -15.28
CA ILE C 105 -24.60 12.28 -16.14
C ILE C 105 -25.34 10.98 -16.46
N SER C 106 -24.59 9.92 -16.76
CA SER C 106 -25.26 8.67 -17.15
C SER C 106 -25.95 8.03 -15.97
N CYS C 107 -25.33 8.16 -14.78
CA CYS C 107 -25.97 7.64 -13.57
C CYS C 107 -27.28 8.36 -13.29
N LEU C 108 -27.30 9.69 -13.41
CA LEU C 108 -28.55 10.42 -13.21
C LEU C 108 -29.61 9.97 -14.20
N THR C 109 -29.19 9.59 -15.40
CA THR C 109 -30.17 9.25 -16.43
C THR C 109 -30.64 7.80 -16.34
N PHE C 110 -29.73 6.87 -16.09
CA PHE C 110 -30.03 5.45 -16.20
C PHE C 110 -29.87 4.69 -14.90
N GLY C 111 -29.28 5.29 -13.87
CA GLY C 111 -29.04 4.52 -12.67
C GLY C 111 -27.67 3.85 -12.66
N ARG C 112 -27.09 3.78 -11.46
CA ARG C 112 -25.74 3.26 -11.28
C ARG C 112 -25.60 1.83 -11.78
N GLU C 113 -26.57 0.97 -11.46
CA GLU C 113 -26.46 -0.45 -11.84
C GLU C 113 -26.40 -0.60 -13.36
N THR C 114 -27.21 0.17 -14.08
CA THR C 114 -27.18 0.11 -15.55
C THR C 114 -25.84 0.63 -16.08
N VAL C 115 -25.35 1.72 -15.50
CA VAL C 115 -24.09 2.32 -15.94
C VAL C 115 -22.94 1.32 -15.76
N LEU C 116 -22.88 0.68 -14.59
CA LEU C 116 -21.74 -0.17 -14.31
C LEU C 116 -21.75 -1.41 -15.21
N GLU C 117 -22.92 -2.01 -15.41
CA GLU C 117 -23.00 -3.15 -16.32
C GLU C 117 -22.74 -2.74 -17.76
N TYR C 118 -23.02 -1.48 -18.11
CA TYR C 118 -22.69 -1.06 -19.48
C TYR C 118 -21.19 -0.83 -19.63
N LEU C 119 -20.55 -0.31 -18.60
CA LEU C 119 -19.09 -0.18 -18.61
C LEU C 119 -18.44 -1.52 -18.89
N VAL C 120 -18.91 -2.57 -18.21
CA VAL C 120 -18.38 -3.91 -18.41
C VAL C 120 -18.71 -4.42 -19.81
N SER C 121 -19.97 -4.27 -20.22
N SER C 121 -19.97 -4.28 -20.22
CA SER C 121 -20.40 -4.76 -21.52
CA SER C 121 -20.40 -4.76 -21.53
C SER C 121 -19.59 -4.13 -22.64
C SER C 121 -19.56 -4.13 -22.64
N PHE C 122 -19.51 -2.80 -22.67
CA PHE C 122 -18.76 -2.13 -23.72
C PHE C 122 -17.27 -2.43 -23.61
N GLY C 123 -16.75 -2.44 -22.39
CA GLY C 123 -15.34 -2.75 -22.22
C GLY C 123 -14.97 -4.12 -22.77
N VAL C 124 -15.89 -5.10 -22.63
CA VAL C 124 -15.65 -6.43 -23.19
C VAL C 124 -15.90 -6.46 -24.70
N TRP C 125 -16.94 -5.77 -25.18
CA TRP C 125 -17.19 -5.72 -26.62
C TRP C 125 -15.98 -5.17 -27.37
N ILE C 126 -15.43 -4.04 -26.89
CA ILE C 126 -14.36 -3.39 -27.63
C ILE C 126 -13.07 -4.21 -27.59
N ARG C 127 -12.90 -5.08 -26.58
CA ARG C 127 -11.74 -5.96 -26.51
C ARG C 127 -11.91 -7.27 -27.30
N THR C 128 -13.08 -7.51 -27.84
CA THR C 128 -13.26 -8.69 -28.70
C THR C 128 -12.79 -8.34 -30.12
N PRO C 129 -12.03 -9.23 -30.77
CA PRO C 129 -11.55 -8.96 -32.12
C PRO C 129 -12.70 -8.54 -33.02
N PRO C 130 -12.53 -7.48 -33.81
CA PRO C 130 -13.68 -6.93 -34.55
C PRO C 130 -14.30 -7.92 -35.52
N ALA C 131 -13.50 -8.82 -36.09
CA ALA C 131 -14.07 -9.80 -36.98
C ALA C 131 -14.85 -10.88 -36.23
N ALA C 132 -14.74 -10.93 -34.91
CA ALA C 132 -15.45 -11.96 -34.15
C ALA C 132 -16.61 -11.38 -33.33
N ARG C 133 -16.80 -10.09 -33.37
CA ARG C 133 -17.73 -9.51 -32.43
C ARG C 133 -18.93 -8.94 -33.18
N PRO C 134 -20.05 -8.68 -32.48
CA PRO C 134 -21.21 -8.06 -33.13
C PRO C 134 -20.83 -6.76 -33.80
N PRO C 135 -21.40 -6.47 -34.98
CA PRO C 135 -21.02 -5.26 -35.73
C PRO C 135 -21.37 -3.95 -35.05
N ASN C 136 -22.32 -3.94 -34.11
CA ASN C 136 -22.67 -2.70 -33.41
C ASN C 136 -22.38 -2.85 -31.92
N ALA C 137 -22.06 -1.72 -31.29
CA ALA C 137 -21.74 -1.71 -29.87
C ALA C 137 -23.00 -2.02 -29.07
N PRO C 138 -22.86 -2.43 -27.81
CA PRO C 138 -24.03 -2.52 -26.95
C PRO C 138 -24.57 -1.12 -26.68
N ILE C 139 -25.78 -1.08 -26.15
CA ILE C 139 -26.55 0.15 -26.02
C ILE C 139 -26.85 0.36 -24.54
N LEU C 140 -26.54 1.55 -24.05
CA LEU C 140 -26.70 1.85 -22.63
C LEU C 140 -28.17 1.75 -22.19
N SER C 141 -29.09 2.35 -22.95
CA SER C 141 -30.47 2.40 -22.49
C SER C 141 -31.18 1.05 -22.54
N THR C 142 -30.64 0.09 -23.29
CA THR C 142 -31.25 -1.23 -23.39
C THR C 142 -30.26 -2.33 -23.06
N MET D 1 -24.36 27.90 -18.42
CA MET D 1 -24.76 27.40 -17.11
C MET D 1 -24.10 28.25 -16.01
N ASP D 2 -24.88 28.61 -14.98
CA ASP D 2 -24.38 29.44 -13.88
C ASP D 2 -24.58 28.69 -12.56
N ILE D 3 -23.53 28.01 -12.11
CA ILE D 3 -23.59 27.21 -10.89
C ILE D 3 -22.79 27.94 -9.82
N ASP D 4 -23.42 28.15 -8.68
CA ASP D 4 -22.76 28.67 -7.49
C ASP D 4 -22.53 27.49 -6.53
N PRO D 5 -21.28 27.11 -6.27
CA PRO D 5 -21.03 25.93 -5.43
C PRO D 5 -21.63 26.00 -4.04
N TYR D 6 -21.91 27.20 -3.52
CA TYR D 6 -22.45 27.34 -2.18
C TYR D 6 -23.98 27.31 -2.13
N LYS D 7 -24.66 27.45 -3.29
CA LYS D 7 -26.10 27.63 -3.29
C LYS D 7 -26.82 26.43 -2.66
N GLU D 8 -26.42 25.21 -3.01
CA GLU D 8 -27.08 24.07 -2.37
C GLU D 8 -26.75 23.97 -0.89
N PHE D 9 -25.75 24.70 -0.41
CA PHE D 9 -25.43 24.71 1.01
C PHE D 9 -25.94 25.98 1.70
N GLY D 10 -26.87 26.69 1.08
CA GLY D 10 -27.48 27.85 1.72
C GLY D 10 -26.56 29.05 1.87
N ALA D 11 -25.63 29.22 0.93
CA ALA D 11 -24.70 30.34 0.95
C ALA D 11 -24.46 30.79 -0.48
N THR D 12 -23.56 31.75 -0.67
CA THR D 12 -23.29 32.23 -2.03
C THR D 12 -21.83 32.60 -2.15
N VAL D 13 -21.35 32.64 -3.41
CA VAL D 13 -20.00 33.14 -3.65
C VAL D 13 -19.83 34.53 -3.04
N GLU D 14 -20.82 35.38 -3.25
CA GLU D 14 -20.78 36.76 -2.72
C GLU D 14 -20.63 36.77 -1.20
N LEU D 15 -21.38 35.93 -0.50
CA LEU D 15 -21.29 35.90 0.95
C LEU D 15 -19.91 35.44 1.41
N LEU D 16 -19.37 34.39 0.77
CA LEU D 16 -18.01 33.97 1.10
C LEU D 16 -16.98 35.04 0.80
N SER D 17 -17.19 35.83 -0.25
CA SER D 17 -16.25 36.89 -0.56
C SER D 17 -16.28 38.02 0.46
N PHE D 18 -17.28 38.04 1.36
CA PHE D 18 -17.30 39.06 2.41
C PHE D 18 -16.09 38.95 3.32
N LEU D 19 -15.38 37.67 3.35
CA LEU D 19 -14.19 37.55 4.17
C LEU D 19 -12.93 37.91 3.38
N PRO D 20 -11.99 38.64 3.97
CA PRO D 20 -10.75 38.95 3.26
C PRO D 20 -9.85 37.73 3.17
N SER D 21 -8.91 37.78 2.23
CA SER D 21 -8.03 36.65 2.02
C SER D 21 -7.21 36.35 3.27
N ASP D 22 -6.86 37.38 4.03
CA ASP D 22 -6.14 37.21 5.29
C ASP D 22 -6.87 36.31 6.28
N PHE D 23 -8.18 36.17 6.14
CA PHE D 23 -8.93 35.39 7.13
C PHE D 23 -8.64 33.89 7.02
N PHE D 24 -8.37 33.39 5.80
CA PHE D 24 -8.38 31.93 5.61
C PHE D 24 -6.99 31.30 5.80
N PRO D 25 -6.98 30.11 6.40
CA PRO D 25 -5.76 29.29 6.35
C PRO D 25 -5.35 29.06 4.90
N SER D 26 -4.10 28.63 4.76
CA SER D 26 -3.60 28.22 3.46
C SER D 26 -4.28 26.92 3.03
N VAL D 27 -4.19 26.62 1.72
CA VAL D 27 -4.76 25.38 1.22
C VAL D 27 -4.10 24.18 1.89
N ARG D 28 -2.77 24.19 2.00
CA ARG D 28 -2.09 23.06 2.63
C ARG D 28 -2.64 22.80 4.02
N ASP D 29 -2.85 23.87 4.80
CA ASP D 29 -3.30 23.70 6.17
C ASP D 29 -4.76 23.26 6.23
N LEU D 30 -5.58 23.69 5.28
CA LEU D 30 -6.94 23.18 5.22
C LEU D 30 -6.94 21.69 4.86
N LEU D 31 -6.09 21.29 3.91
CA LEU D 31 -5.96 19.89 3.52
C LEU D 31 -5.47 19.01 4.68
N ASP D 32 -4.48 19.49 5.44
CA ASP D 32 -4.02 18.77 6.64
C ASP D 32 -5.16 18.63 7.64
N THR D 33 -5.96 19.69 7.82
N THR D 33 -5.96 19.68 7.82
CA THR D 33 -7.03 19.68 8.79
CA THR D 33 -7.03 19.63 8.80
C THR D 33 -8.16 18.73 8.37
C THR D 33 -8.16 18.71 8.36
N ALA D 34 -8.50 18.72 7.07
CA ALA D 34 -9.51 17.78 6.58
C ALA D 34 -9.06 16.35 6.82
N ALA D 35 -7.78 16.08 6.56
CA ALA D 35 -7.24 14.75 6.84
C ALA D 35 -7.25 14.44 8.35
N ALA D 36 -6.82 15.39 9.18
CA ALA D 36 -6.74 15.12 10.62
C ALA D 36 -8.12 14.85 11.22
N LEU D 37 -9.16 15.56 10.75
CA LEU D 37 -10.49 15.41 11.32
C LEU D 37 -11.37 14.41 10.57
N TYR D 38 -11.24 14.31 9.24
CA TYR D 38 -12.25 13.61 8.44
C TYR D 38 -11.66 12.59 7.48
N ARG D 39 -10.39 12.21 7.65
N ARG D 39 -10.39 12.21 7.66
CA ARG D 39 -9.78 11.33 6.64
CA ARG D 39 -9.75 11.33 6.67
C ARG D 39 -10.59 10.06 6.44
C ARG D 39 -10.55 10.05 6.45
N ASP D 40 -11.01 9.42 7.54
CA ASP D 40 -11.71 8.14 7.40
C ASP D 40 -13.04 8.31 6.66
N ALA D 41 -13.79 9.35 6.97
CA ALA D 41 -15.05 9.57 6.28
C ALA D 41 -14.82 9.93 4.82
N LEU D 42 -13.84 10.80 4.56
CA LEU D 42 -13.58 11.21 3.19
C LEU D 42 -13.16 10.04 2.32
N GLU D 43 -12.46 9.07 2.91
CA GLU D 43 -12.00 7.91 2.16
C GLU D 43 -13.00 6.75 2.14
N SER D 44 -14.16 6.89 2.78
CA SER D 44 -15.04 5.75 2.93
C SER D 44 -15.93 5.57 1.70
N PRO D 45 -16.50 4.38 1.51
CA PRO D 45 -17.48 4.19 0.43
C PRO D 45 -18.84 4.81 0.72
N GLU D 46 -19.00 5.51 1.83
CA GLU D 46 -20.26 6.16 2.19
C GLU D 46 -20.26 7.64 1.83
N HIS D 47 -21.37 8.11 1.26
CA HIS D 47 -21.51 9.53 0.94
C HIS D 47 -21.27 10.38 2.19
N CYS D 48 -21.87 9.98 3.30
CA CYS D 48 -21.81 10.67 4.60
C CYS D 48 -22.68 11.92 4.61
N SER D 49 -22.42 12.88 3.74
CA SER D 49 -23.22 14.09 3.68
C SER D 49 -22.87 14.83 2.40
N PRO D 50 -23.73 15.78 1.97
CA PRO D 50 -23.36 16.62 0.84
C PRO D 50 -22.06 17.37 1.02
N HIS D 51 -21.76 17.83 2.25
CA HIS D 51 -20.48 18.48 2.50
C HIS D 51 -19.31 17.53 2.25
N HIS D 52 -19.44 16.29 2.68
CA HIS D 52 -18.40 15.29 2.40
C HIS D 52 -18.19 15.11 0.89
N THR D 53 -19.29 14.91 0.16
CA THR D 53 -19.19 14.79 -1.29
C THR D 53 -18.49 16.00 -1.91
N ALA D 54 -18.90 17.20 -1.51
CA ALA D 54 -18.30 18.41 -2.07
C ALA D 54 -16.82 18.53 -1.73
N LEU D 55 -16.50 18.30 -0.45
CA LEU D 55 -15.11 18.42 -0.01
C LEU D 55 -14.24 17.40 -0.74
N ARG D 56 -14.75 16.18 -0.94
CA ARG D 56 -14.03 15.21 -1.76
C ARG D 56 -13.67 15.78 -3.11
N GLN D 57 -14.63 16.42 -3.79
CA GLN D 57 -14.32 16.91 -5.13
C GLN D 57 -13.36 18.08 -5.08
N ALA D 58 -13.56 18.98 -4.10
CA ALA D 58 -12.69 20.14 -3.95
C ALA D 58 -11.23 19.71 -3.73
N ILE D 59 -11.01 18.71 -2.87
CA ILE D 59 -9.65 18.22 -2.64
C ILE D 59 -9.04 17.68 -3.93
N LEU D 60 -9.77 16.84 -4.64
CA LEU D 60 -9.21 16.28 -5.87
C LEU D 60 -9.01 17.36 -6.93
N CYS D 61 -9.92 18.34 -7.00
CA CYS D 61 -9.77 19.40 -8.00
C CYS D 61 -8.50 20.18 -7.79
N TRP D 62 -8.19 20.50 -6.52
CA TRP D 62 -6.94 21.19 -6.23
C TRP D 62 -5.76 20.38 -6.76
N GLY D 63 -5.77 19.07 -6.52
CA GLY D 63 -4.74 18.20 -7.08
C GLY D 63 -4.61 18.35 -8.59
N ASP D 64 -5.75 18.32 -9.29
CA ASP D 64 -5.78 18.55 -10.74
C ASP D 64 -5.11 19.88 -11.09
N LEU D 65 -5.51 20.95 -10.40
CA LEU D 65 -4.96 22.28 -10.68
C LEU D 65 -3.46 22.32 -10.42
N MET D 66 -3.00 21.72 -9.32
CA MET D 66 -1.57 21.74 -9.02
C MET D 66 -0.78 20.92 -10.03
N THR D 67 -1.34 19.78 -10.46
CA THR D 67 -0.69 18.99 -11.50
C THR D 67 -0.56 19.80 -12.78
N LEU D 68 -1.64 20.44 -13.21
CA LEU D 68 -1.58 21.25 -14.42
C LEU D 68 -0.59 22.40 -14.23
N ALA D 69 -0.68 23.10 -13.10
CA ALA D 69 0.21 24.24 -12.85
C ALA D 69 1.66 23.82 -12.75
N THR D 70 1.93 22.67 -12.11
CA THR D 70 3.31 22.19 -12.06
C THR D 70 3.81 21.80 -13.45
N TRP D 71 2.98 21.11 -14.25
CA TRP D 71 3.42 20.76 -15.59
C TRP D 71 3.72 22.00 -16.41
N VAL D 72 2.88 23.03 -16.28
CA VAL D 72 3.13 24.29 -16.97
C VAL D 72 4.44 24.91 -16.47
N GLY D 73 4.65 24.91 -15.16
CA GLY D 73 5.83 25.54 -14.61
C GLY D 73 7.11 24.85 -15.00
N THR D 74 7.06 23.53 -15.23
CA THR D 74 8.26 22.81 -15.60
C THR D 74 8.60 22.97 -17.08
N ASN D 75 7.72 23.60 -17.86
CA ASN D 75 7.96 23.83 -19.28
C ASN D 75 8.04 25.32 -19.61
N LEU D 76 8.17 26.18 -18.61
CA LEU D 76 8.45 27.59 -18.82
C LEU D 76 9.94 27.85 -18.62
N GLU D 77 10.53 28.58 -19.55
CA GLU D 77 11.95 28.89 -19.49
C GLU D 77 12.26 30.12 -18.64
N ASP D 78 11.35 31.08 -18.59
CA ASP D 78 11.57 32.31 -17.82
C ASP D 78 11.29 32.02 -16.35
N PRO D 79 12.28 32.14 -15.47
CA PRO D 79 12.01 31.91 -14.05
C PRO D 79 11.19 33.00 -13.38
N ALA D 80 10.82 34.05 -14.13
CA ALA D 80 9.88 35.04 -13.62
C ALA D 80 8.46 34.78 -14.07
N SER D 81 8.27 34.04 -15.17
CA SER D 81 6.93 33.60 -15.53
C SER D 81 6.52 32.38 -14.72
N ARG D 82 7.49 31.62 -14.19
CA ARG D 82 7.14 30.57 -13.24
C ARG D 82 6.59 31.16 -11.95
N ASP D 83 7.25 32.20 -11.43
CA ASP D 83 6.71 32.89 -10.26
C ASP D 83 5.37 33.53 -10.59
N LEU D 84 5.14 33.88 -11.85
CA LEU D 84 3.85 34.45 -12.23
C LEU D 84 2.76 33.39 -12.13
N VAL D 85 3.07 32.15 -12.50
CA VAL D 85 2.12 31.05 -12.32
C VAL D 85 1.83 30.86 -10.83
N VAL D 86 2.88 30.88 -10.01
CA VAL D 86 2.68 30.76 -8.56
C VAL D 86 1.79 31.89 -8.06
N SER D 87 2.04 33.12 -8.53
CA SER D 87 1.22 34.25 -8.09
C SER D 87 -0.22 34.10 -8.57
N TYR D 88 -0.42 33.59 -9.79
CA TYR D 88 -1.77 33.40 -10.30
C TYR D 88 -2.55 32.42 -9.46
N VAL D 89 -1.88 31.35 -9.00
CA VAL D 89 -2.55 30.40 -8.11
C VAL D 89 -2.95 31.07 -6.81
N ASN D 90 -2.02 31.81 -6.18
CA ASN D 90 -2.30 32.41 -4.89
C ASN D 90 -3.37 33.49 -4.97
N THR D 91 -3.28 34.38 -5.96
CA THR D 91 -4.21 35.50 -6.02
C THR D 91 -5.58 35.11 -6.57
N ASN D 92 -5.67 34.05 -7.36
CA ASN D 92 -6.92 33.71 -8.02
C ASN D 92 -7.42 32.39 -7.48
N VAL D 93 -7.06 31.25 -8.08
CA VAL D 93 -7.73 30.01 -7.73
C VAL D 93 -7.43 29.61 -6.27
N GLY D 94 -6.26 29.98 -5.75
CA GLY D 94 -5.94 29.67 -4.37
C GLY D 94 -6.95 30.27 -3.39
N LEU D 95 -7.33 31.53 -3.59
CA LEU D 95 -8.31 32.13 -2.69
C LEU D 95 -9.66 31.44 -2.84
N LYS D 96 -10.03 31.09 -4.07
CA LYS D 96 -11.29 30.38 -4.26
C LYS D 96 -11.32 29.09 -3.48
N PHE D 97 -10.24 28.31 -3.55
CA PHE D 97 -10.26 27.02 -2.85
C PHE D 97 -10.08 27.17 -1.35
N ARG D 98 -9.39 28.22 -0.89
CA ARG D 98 -9.35 28.45 0.56
C ARG D 98 -10.75 28.71 1.10
N GLN D 99 -11.53 29.53 0.40
CA GLN D 99 -12.91 29.79 0.79
C GLN D 99 -13.72 28.50 0.82
N LEU D 100 -13.66 27.74 -0.27
CA LEU D 100 -14.47 26.53 -0.40
C LEU D 100 -14.06 25.47 0.63
N LEU D 101 -12.76 25.20 0.74
CA LEU D 101 -12.32 24.16 1.67
C LEU D 101 -12.65 24.53 3.11
N TRP D 102 -12.39 25.79 3.50
CA TRP D 102 -12.75 26.25 4.86
C TRP D 102 -14.24 26.09 5.09
N PHE D 103 -15.05 26.47 4.10
CA PHE D 103 -16.49 26.44 4.28
C PHE D 103 -16.96 25.02 4.58
N HIS D 104 -16.52 24.04 3.79
CA HIS D 104 -17.01 22.69 4.01
C HIS D 104 -16.47 22.10 5.31
N ILE D 105 -15.18 22.32 5.61
CA ILE D 105 -14.60 21.77 6.83
C ILE D 105 -15.23 22.37 8.07
N SER D 106 -15.46 23.68 8.05
CA SER D 106 -16.01 24.34 9.23
C SER D 106 -17.47 23.96 9.43
N CYS D 107 -18.21 23.78 8.33
CA CYS D 107 -19.61 23.36 8.43
C CYS D 107 -19.72 21.97 9.03
N LEU D 108 -18.87 21.03 8.59
CA LEU D 108 -18.89 19.70 9.19
C LEU D 108 -18.56 19.76 10.68
N THR D 109 -17.72 20.70 11.09
CA THR D 109 -17.29 20.78 12.48
C THR D 109 -18.28 21.55 13.37
N PHE D 110 -18.78 22.68 12.89
CA PHE D 110 -19.57 23.58 13.72
C PHE D 110 -20.99 23.80 13.26
N GLY D 111 -21.35 23.36 12.06
CA GLY D 111 -22.69 23.59 11.54
C GLY D 111 -22.78 24.83 10.67
N ARG D 112 -23.65 24.75 9.65
CA ARG D 112 -23.80 25.84 8.69
C ARG D 112 -24.16 27.16 9.37
N GLU D 113 -25.14 27.12 10.28
CA GLU D 113 -25.65 28.36 10.86
C GLU D 113 -24.58 29.07 11.68
N THR D 114 -23.79 28.31 12.43
CA THR D 114 -22.67 28.88 13.16
C THR D 114 -21.65 29.47 12.19
N VAL D 115 -21.38 28.75 11.10
CA VAL D 115 -20.40 29.20 10.11
C VAL D 115 -20.80 30.52 9.49
N LEU D 116 -22.07 30.63 9.07
CA LEU D 116 -22.50 31.83 8.37
C LEU D 116 -22.54 33.04 9.31
N GLU D 117 -22.99 32.82 10.55
CA GLU D 117 -22.97 33.90 11.53
C GLU D 117 -21.56 34.32 11.88
N TYR D 118 -20.61 33.38 11.86
CA TYR D 118 -19.22 33.77 12.11
C TYR D 118 -18.65 34.53 10.92
N LEU D 119 -19.07 34.15 9.72
CA LEU D 119 -18.68 34.86 8.52
C LEU D 119 -19.04 36.35 8.63
N VAL D 120 -20.26 36.64 9.05
N VAL D 120 -20.29 36.62 9.02
CA VAL D 120 -20.67 38.05 9.09
CA VAL D 120 -20.72 38.02 9.14
C VAL D 120 -20.12 38.74 10.34
C VAL D 120 -20.00 38.69 10.30
N SER D 121 -19.88 37.99 11.43
CA SER D 121 -19.27 38.60 12.60
C SER D 121 -17.83 39.01 12.33
N PHE D 122 -17.04 38.08 11.81
CA PHE D 122 -15.65 38.40 11.49
C PHE D 122 -15.55 39.43 10.37
N GLY D 123 -16.40 39.32 9.35
CA GLY D 123 -16.36 40.28 8.26
C GLY D 123 -16.64 41.70 8.73
N VAL D 124 -17.52 41.85 9.71
CA VAL D 124 -17.80 43.17 10.29
C VAL D 124 -16.68 43.60 11.23
N TRP D 125 -16.12 42.67 12.00
CA TRP D 125 -15.01 42.99 12.89
C TRP D 125 -13.81 43.53 12.11
N ILE D 126 -13.43 42.84 11.03
CA ILE D 126 -12.23 43.22 10.29
C ILE D 126 -12.42 44.53 9.54
N ARG D 127 -13.66 44.92 9.27
CA ARG D 127 -13.95 46.20 8.61
C ARG D 127 -14.09 47.35 9.59
N THR D 128 -14.07 47.07 10.90
CA THR D 128 -14.08 48.13 11.87
C THR D 128 -12.66 48.65 12.08
N PRO D 129 -12.46 49.96 12.12
CA PRO D 129 -11.11 50.51 12.30
C PRO D 129 -10.43 49.90 13.50
N PRO D 130 -9.15 49.53 13.38
CA PRO D 130 -8.51 48.78 14.47
C PRO D 130 -8.47 49.56 15.77
N ALA D 131 -8.38 50.88 15.71
CA ALA D 131 -8.40 51.65 16.94
C ALA D 131 -9.78 51.71 17.57
N ALA D 132 -10.82 51.26 16.88
CA ALA D 132 -12.18 51.34 17.42
C ALA D 132 -12.79 49.99 17.78
N ARG D 133 -12.12 48.90 17.53
CA ARG D 133 -12.74 47.61 17.62
C ARG D 133 -12.11 46.81 18.73
N PRO D 134 -12.74 45.71 19.15
CA PRO D 134 -12.10 44.84 20.14
C PRO D 134 -10.75 44.35 19.64
N PRO D 135 -9.75 44.25 20.52
CA PRO D 135 -8.40 43.87 20.07
C PRO D 135 -8.30 42.45 19.55
N ASN D 136 -9.20 41.54 19.90
N ASN D 136 -9.24 41.58 19.88
CA ASN D 136 -9.12 40.17 19.40
CA ASN D 136 -9.24 40.20 19.45
C ASN D 136 -10.34 39.84 18.55
C ASN D 136 -10.32 39.98 18.41
N ALA D 137 -10.12 38.97 17.57
CA ALA D 137 -11.14 38.60 16.61
C ALA D 137 -12.26 37.83 17.32
N PRO D 138 -13.45 37.77 16.74
CA PRO D 138 -14.44 36.84 17.29
C PRO D 138 -13.97 35.41 17.09
N ILE D 139 -14.60 34.49 17.81
CA ILE D 139 -14.13 33.11 17.89
C ILE D 139 -15.23 32.18 17.38
N LEU D 140 -14.89 31.35 16.39
CA LEU D 140 -15.87 30.50 15.74
C LEU D 140 -16.55 29.56 16.74
N SER D 141 -15.77 28.90 17.60
CA SER D 141 -16.39 27.92 18.47
C SER D 141 -17.26 28.53 19.57
N THR D 142 -17.19 29.85 19.80
CA THR D 142 -17.95 30.42 20.91
C THR D 142 -19.40 30.72 20.55
N LEU D 143 -19.73 30.77 19.27
CA LEU D 143 -21.10 31.08 18.88
C LEU D 143 -22.03 29.95 19.31
N PRO D 144 -23.22 30.27 19.87
CA PRO D 144 -24.12 29.25 20.42
C PRO D 144 -24.67 28.31 19.36
N GLU D 150 -31.40 18.48 11.43
CA GLU D 150 -30.31 17.60 11.03
C GLU D 150 -30.78 16.58 10.00
N ASN D 151 -30.52 16.87 8.73
CA ASN D 151 -31.02 16.05 7.64
C ASN D 151 -30.19 14.78 7.48
N LEU D 152 -30.86 13.68 7.13
CA LEU D 152 -30.24 12.36 7.04
C LEU D 152 -29.83 11.98 5.62
N TYR D 153 -30.28 12.72 4.60
CA TYR D 153 -29.76 12.63 3.23
C TYR D 153 -29.91 11.22 2.64
N PHE D 154 -31.18 10.83 2.48
CA PHE D 154 -31.49 9.52 1.92
C PHE D 154 -31.37 9.54 0.40
N GLN D 155 -30.87 8.44 -0.16
CA GLN D 155 -30.80 8.26 -1.61
C GLN D 155 -30.47 6.80 -1.93
N MET E 1 7.58 -5.82 7.79
CA MET E 1 6.77 -5.41 8.94
C MET E 1 6.64 -3.89 8.96
N ASP E 2 5.42 -3.40 9.14
CA ASP E 2 5.18 -1.97 9.20
C ASP E 2 4.47 -1.69 10.51
N ILE E 3 5.25 -1.30 11.50
CA ILE E 3 4.75 -1.08 12.86
C ILE E 3 4.66 0.41 13.08
N ASP E 4 3.50 0.87 13.54
CA ASP E 4 3.29 2.25 13.95
C ASP E 4 3.32 2.32 15.46
N PRO E 5 4.30 3.01 16.05
CA PRO E 5 4.41 3.01 17.53
C PRO E 5 3.17 3.53 18.26
N TYR E 6 2.34 4.34 17.60
CA TYR E 6 1.17 4.90 18.26
C TYR E 6 -0.08 4.03 18.14
N LYS E 7 -0.09 3.03 17.24
CA LYS E 7 -1.32 2.31 16.94
C LYS E 7 -1.91 1.62 18.16
N GLU E 8 -1.08 0.93 18.95
CA GLU E 8 -1.61 0.30 20.17
C GLU E 8 -2.06 1.32 21.21
N PHE E 9 -1.69 2.59 21.06
CA PHE E 9 -2.12 3.64 21.98
C PHE E 9 -3.18 4.55 21.36
N GLY E 10 -3.88 4.08 20.32
CA GLY E 10 -4.97 4.83 19.75
C GLY E 10 -4.59 6.07 18.98
N ALA E 11 -3.43 6.08 18.34
CA ALA E 11 -3.02 7.23 17.53
C ALA E 11 -2.22 6.70 16.34
N THR E 12 -1.67 7.61 15.54
CA THR E 12 -0.90 7.22 14.37
C THR E 12 0.24 8.21 14.21
N VAL E 13 1.28 7.78 13.49
CA VAL E 13 2.36 8.74 13.21
C VAL E 13 1.79 9.98 12.54
N GLU E 14 0.86 9.78 11.58
CA GLU E 14 0.33 10.92 10.82
C GLU E 14 -0.41 11.91 11.70
N LEU E 15 -1.13 11.43 12.72
CA LEU E 15 -1.79 12.33 13.66
C LEU E 15 -0.78 13.16 14.45
N LEU E 16 0.31 12.55 14.94
CA LEU E 16 1.33 13.33 15.64
C LEU E 16 1.98 14.35 14.70
N SER E 17 2.04 14.02 13.41
N SER E 17 2.07 14.03 13.41
CA SER E 17 2.66 14.91 12.44
CA SER E 17 2.70 14.95 12.47
C SER E 17 1.84 16.18 12.21
C SER E 17 1.81 16.15 12.14
N PHE E 18 0.57 16.18 12.63
CA PHE E 18 -0.27 17.38 12.51
C PHE E 18 0.24 18.52 13.40
N LEU E 19 1.10 18.21 14.38
N LEU E 19 1.12 18.22 14.34
CA LEU E 19 1.67 19.25 15.24
CA LEU E 19 1.71 19.21 15.23
C LEU E 19 3.01 19.70 14.68
C LEU E 19 3.02 19.70 14.66
N PRO E 20 3.21 21.01 14.48
CA PRO E 20 4.50 21.49 13.97
C PRO E 20 5.62 21.22 14.96
N SER E 21 6.85 21.25 14.43
CA SER E 21 8.00 20.91 15.25
C SER E 21 8.15 21.87 16.43
N ASP E 22 7.85 23.15 16.22
CA ASP E 22 7.97 24.16 17.26
C ASP E 22 7.07 23.89 18.45
N PHE E 23 6.10 22.99 18.32
CA PHE E 23 5.17 22.72 19.42
C PHE E 23 5.84 21.98 20.56
N PHE E 24 6.81 21.11 20.26
CA PHE E 24 7.26 20.10 21.19
C PHE E 24 8.43 20.63 22.03
N PRO E 25 8.46 20.29 23.31
CA PRO E 25 9.69 20.52 24.09
C PRO E 25 10.86 19.78 23.44
N SER E 26 12.07 20.13 23.87
CA SER E 26 13.25 19.42 23.43
C SER E 26 13.27 18.01 24.03
N VAL E 27 14.07 17.12 23.43
CA VAL E 27 14.23 15.79 24.00
C VAL E 27 14.77 15.88 25.43
N ARG E 28 15.80 16.70 25.64
CA ARG E 28 16.38 16.83 26.97
C ARG E 28 15.31 17.25 27.98
N ASP E 29 14.51 18.26 27.63
CA ASP E 29 13.46 18.71 28.53
C ASP E 29 12.37 17.67 28.73
N LEU E 30 12.08 16.87 27.69
CA LEU E 30 11.14 15.76 27.88
C LEU E 30 11.71 14.68 28.79
N LEU E 31 12.99 14.34 28.63
CA LEU E 31 13.64 13.36 29.50
C LEU E 31 13.71 13.83 30.95
N ASP E 32 14.09 15.10 31.17
CA ASP E 32 14.10 15.60 32.53
C ASP E 32 12.72 15.63 33.15
N THR E 33 11.68 15.85 32.33
CA THR E 33 10.31 15.87 32.82
C THR E 33 9.84 14.47 33.17
N ALA E 34 10.22 13.48 32.36
CA ALA E 34 9.88 12.09 32.66
C ALA E 34 10.52 11.68 33.97
N ALA E 35 11.78 12.05 34.18
CA ALA E 35 12.43 11.75 35.45
C ALA E 35 11.72 12.43 36.62
N ALA E 36 11.40 13.73 36.50
CA ALA E 36 10.83 14.44 37.64
C ALA E 36 9.46 13.88 38.01
N LEU E 37 8.66 13.46 37.02
CA LEU E 37 7.31 12.99 37.30
C LEU E 37 7.21 11.50 37.52
N TYR E 38 8.00 10.69 36.80
CA TYR E 38 7.77 9.26 36.72
C TYR E 38 9.02 8.41 36.98
N ARG E 39 10.09 8.97 37.54
CA ARG E 39 11.34 8.19 37.66
C ARG E 39 11.11 6.88 38.40
N ASP E 40 10.45 6.95 39.55
CA ASP E 40 10.28 5.77 40.39
C ASP E 40 9.49 4.69 39.67
N ALA E 41 8.43 5.08 38.97
CA ALA E 41 7.68 4.11 38.18
C ALA E 41 8.51 3.57 37.03
N LEU E 42 9.25 4.44 36.34
CA LEU E 42 10.02 3.98 35.18
C LEU E 42 11.12 3.00 35.60
N GLU E 43 11.70 3.20 36.79
CA GLU E 43 12.75 2.33 37.30
C GLU E 43 12.24 1.13 38.08
N SER E 44 10.92 0.95 38.22
CA SER E 44 10.45 -0.12 39.08
C SER E 44 10.39 -1.45 38.32
N PRO E 45 10.37 -2.58 39.02
CA PRO E 45 10.19 -3.87 38.35
C PRO E 45 8.75 -4.17 37.95
N GLU E 46 7.81 -3.25 38.17
CA GLU E 46 6.42 -3.46 37.80
C GLU E 46 6.18 -2.82 36.45
N HIS E 47 5.42 -3.50 35.58
CA HIS E 47 5.10 -2.96 34.26
C HIS E 47 4.47 -1.57 34.38
N CYS E 48 3.54 -1.41 35.32
CA CYS E 48 2.77 -0.18 35.59
C CYS E 48 1.69 0.07 34.54
N SER E 49 2.08 0.22 33.29
CA SER E 49 1.12 0.43 32.20
C SER E 49 1.84 0.24 30.87
N PRO E 50 1.10 0.02 29.78
CA PRO E 50 1.76 0.01 28.46
C PRO E 50 2.48 1.29 28.10
N HIS E 51 1.96 2.47 28.48
CA HIS E 51 2.71 3.70 28.26
C HIS E 51 4.05 3.67 28.98
N HIS E 52 4.06 3.16 30.23
CA HIS E 52 5.32 3.02 30.97
C HIS E 52 6.30 2.13 30.22
N THR E 53 5.84 0.96 29.77
CA THR E 53 6.70 0.05 29.01
C THR E 53 7.27 0.75 27.78
N ALA E 54 6.42 1.43 27.01
CA ALA E 54 6.91 2.09 25.82
C ALA E 54 7.92 3.19 26.17
N LEU E 55 7.56 4.05 27.12
CA LEU E 55 8.42 5.16 27.48
C LEU E 55 9.80 4.68 27.92
N ARG E 56 9.86 3.60 28.71
CA ARG E 56 11.14 3.00 29.07
C ARG E 56 11.99 2.74 27.84
N GLN E 57 11.41 2.13 26.80
CA GLN E 57 12.21 1.79 25.64
C GLN E 57 12.62 3.05 24.88
N ALA E 58 11.70 4.02 24.73
CA ALA E 58 12.00 5.25 24.01
C ALA E 58 13.17 5.99 24.65
N ILE E 59 13.17 6.09 25.98
CA ILE E 59 14.28 6.74 26.69
C ILE E 59 15.59 6.02 26.39
N LEU E 60 15.59 4.68 26.48
CA LEU E 60 16.83 3.94 26.25
C LEU E 60 17.29 4.02 24.81
N CYS E 61 16.35 4.01 23.86
CA CYS E 61 16.72 4.14 22.47
C CYS E 61 17.42 5.47 22.21
N TRP E 62 16.93 6.56 22.83
CA TRP E 62 17.58 7.85 22.65
C TRP E 62 19.03 7.80 23.11
N GLY E 63 19.29 7.18 24.27
CA GLY E 63 20.65 6.94 24.68
C GLY E 63 21.48 6.23 23.63
N ASP E 64 20.93 5.13 23.08
CA ASP E 64 21.58 4.42 21.98
C ASP E 64 21.93 5.36 20.84
N LEU E 65 20.94 6.13 20.38
CA LEU E 65 21.16 7.03 19.25
C LEU E 65 22.21 8.08 19.57
N MET E 66 22.15 8.67 20.77
CA MET E 66 23.11 9.71 21.11
C MET E 66 24.50 9.13 21.31
N THR E 67 24.61 7.92 21.86
CA THR E 67 25.92 7.30 21.99
C THR E 67 26.55 7.15 20.62
N LEU E 68 25.79 6.65 19.65
CA LEU E 68 26.28 6.53 18.29
C LEU E 68 26.61 7.88 17.69
N ALA E 69 25.70 8.85 17.83
CA ALA E 69 25.91 10.16 17.22
C ALA E 69 27.10 10.90 17.83
N THR E 70 27.24 10.86 19.16
CA THR E 70 28.37 11.55 19.78
C THR E 70 29.70 10.88 19.42
N TRP E 71 29.74 9.54 19.43
CA TRP E 71 30.97 8.84 19.06
C TRP E 71 31.39 9.16 17.64
N VAL E 72 30.42 9.25 16.73
CA VAL E 72 30.73 9.69 15.36
C VAL E 72 31.23 11.13 15.39
N GLY E 73 30.54 11.99 16.15
CA GLY E 73 30.89 13.40 16.16
C GLY E 73 32.21 13.71 16.84
N THR E 74 32.59 12.93 17.86
CA THR E 74 33.83 13.22 18.57
C THR E 74 35.04 12.70 17.82
N ASN E 75 34.83 11.98 16.71
CA ASN E 75 35.92 11.47 15.89
C ASN E 75 35.92 12.13 14.53
N LEU E 76 35.15 13.19 14.38
CA LEU E 76 35.23 14.12 13.27
C LEU E 76 35.91 15.40 13.79
N GLU E 77 36.83 15.95 13.00
CA GLU E 77 37.44 17.22 13.36
C GLU E 77 37.10 18.33 12.39
N ASP E 78 36.39 18.02 11.30
CA ASP E 78 35.85 19.03 10.41
C ASP E 78 34.48 19.44 10.91
N PRO E 79 34.27 20.71 11.31
CA PRO E 79 32.93 21.14 11.74
C PRO E 79 31.93 21.24 10.60
N ALA E 80 32.31 20.88 9.37
CA ALA E 80 31.34 20.70 8.31
C ALA E 80 30.84 19.28 8.30
N SER E 81 31.64 18.35 8.82
CA SER E 81 31.23 17.00 9.14
C SER E 81 30.62 16.88 10.54
N ARG E 82 30.59 17.96 11.33
CA ARG E 82 30.14 17.91 12.72
C ARG E 82 28.81 18.61 12.93
N ASP E 83 28.70 19.87 12.51
CA ASP E 83 27.42 20.57 12.59
C ASP E 83 26.37 19.91 11.70
N LEU E 84 26.80 19.20 10.66
CA LEU E 84 25.86 18.46 9.81
C LEU E 84 25.20 17.33 10.58
N VAL E 85 25.97 16.64 11.42
CA VAL E 85 25.40 15.55 12.22
C VAL E 85 24.36 16.10 13.20
N VAL E 86 24.71 17.18 13.91
CA VAL E 86 23.74 17.80 14.82
C VAL E 86 22.50 18.22 14.06
N SER E 87 22.67 18.79 12.86
CA SER E 87 21.52 19.21 12.08
C SER E 87 20.66 18.02 11.68
N TYR E 88 21.29 16.90 11.32
CA TYR E 88 20.52 15.72 10.93
C TYR E 88 19.71 15.19 12.10
N VAL E 89 20.31 15.17 13.30
CA VAL E 89 19.57 14.76 14.49
C VAL E 89 18.42 15.71 14.76
N ASN E 90 18.68 17.01 14.67
CA ASN E 90 17.66 18.00 14.99
C ASN E 90 16.48 17.91 14.03
N THR E 91 16.76 17.78 12.73
CA THR E 91 15.68 17.78 11.75
C THR E 91 14.96 16.44 11.62
N ASN E 92 15.61 15.32 11.95
CA ASN E 92 15.03 14.01 11.67
C ASN E 92 14.73 13.27 12.97
N VAL E 93 15.65 12.48 13.51
CA VAL E 93 15.31 11.58 14.61
C VAL E 93 14.96 12.37 15.87
N GLY E 94 15.52 13.56 16.04
CA GLY E 94 15.14 14.38 17.19
C GLY E 94 13.65 14.70 17.21
N LEU E 95 13.09 15.06 16.05
CA LEU E 95 11.67 15.38 15.98
C LEU E 95 10.81 14.14 16.23
N LYS E 96 11.21 12.98 15.70
CA LYS E 96 10.45 11.76 15.96
C LYS E 96 10.36 11.48 17.45
N PHE E 97 11.48 11.61 18.17
CA PHE E 97 11.48 11.31 19.60
C PHE E 97 10.84 12.41 20.43
N ARG E 98 10.88 13.66 19.98
CA ARG E 98 10.10 14.68 20.66
C ARG E 98 8.62 14.35 20.61
N GLN E 99 8.12 13.92 19.43
CA GLN E 99 6.73 13.50 19.29
C GLN E 99 6.40 12.34 20.22
N LEU E 100 7.23 11.29 20.18
CA LEU E 100 7.00 10.07 20.93
C LEU E 100 7.05 10.31 22.44
N LEU E 101 8.12 10.95 22.92
CA LEU E 101 8.24 11.17 24.36
C LEU E 101 7.14 12.08 24.87
N TRP E 102 6.86 13.17 24.16
CA TRP E 102 5.75 14.01 24.60
C TRP E 102 4.46 13.22 24.69
N PHE E 103 4.20 12.37 23.68
CA PHE E 103 2.95 11.61 23.64
C PHE E 103 2.80 10.69 24.86
N HIS E 104 3.84 9.92 25.19
CA HIS E 104 3.70 9.02 26.32
C HIS E 104 3.66 9.80 27.64
N ILE E 105 4.51 10.82 27.79
CA ILE E 105 4.51 11.55 29.05
C ILE E 105 3.19 12.27 29.27
N SER E 106 2.65 12.87 28.20
CA SER E 106 1.40 13.60 28.36
C SER E 106 0.22 12.66 28.54
N CYS E 107 0.25 11.48 27.90
CA CYS E 107 -0.82 10.52 28.12
C CYS E 107 -0.85 10.05 29.57
N LEU E 108 0.33 9.77 30.13
CA LEU E 108 0.44 9.38 31.53
C LEU E 108 -0.06 10.47 32.45
N THR E 109 0.08 11.73 32.05
CA THR E 109 -0.31 12.82 32.93
C THR E 109 -1.79 13.18 32.80
N PHE E 110 -2.31 13.20 31.56
CA PHE E 110 -3.63 13.72 31.28
C PHE E 110 -4.61 12.72 30.67
N GLY E 111 -4.15 11.56 30.22
CA GLY E 111 -5.04 10.63 29.53
C GLY E 111 -5.04 10.82 28.04
N ARG E 112 -5.25 9.71 27.32
CA ARG E 112 -5.21 9.69 25.86
C ARG E 112 -6.21 10.65 25.24
N GLU E 113 -7.46 10.60 25.73
CA GLU E 113 -8.51 11.46 25.18
C GLU E 113 -8.10 12.92 25.23
N THR E 114 -7.69 13.39 26.42
CA THR E 114 -7.27 14.78 26.55
C THR E 114 -6.12 15.09 25.61
N VAL E 115 -5.14 14.19 25.53
CA VAL E 115 -3.99 14.38 24.65
C VAL E 115 -4.44 14.45 23.19
N LEU E 116 -5.33 13.56 22.79
CA LEU E 116 -5.71 13.52 21.38
C LEU E 116 -6.54 14.75 21.00
N GLU E 117 -7.40 15.20 21.89
CA GLU E 117 -8.16 16.42 21.60
C GLU E 117 -7.26 17.65 21.54
N TYR E 118 -6.23 17.70 22.40
CA TYR E 118 -5.34 18.86 22.41
C TYR E 118 -4.47 18.89 21.17
N LEU E 119 -4.05 17.71 20.71
CA LEU E 119 -3.33 17.61 19.45
C LEU E 119 -4.09 18.30 18.34
N VAL E 120 -5.39 18.01 18.25
CA VAL E 120 -6.22 18.63 17.21
C VAL E 120 -6.45 20.12 17.51
N SER E 121 -6.80 20.45 18.75
CA SER E 121 -7.03 21.86 19.10
C SER E 121 -5.84 22.72 18.72
N PHE E 122 -4.63 22.32 19.12
CA PHE E 122 -3.45 23.13 18.88
C PHE E 122 -3.08 23.14 17.39
N GLY E 123 -3.17 21.98 16.74
CA GLY E 123 -2.82 21.94 15.34
C GLY E 123 -3.70 22.87 14.50
N VAL E 124 -4.97 22.98 14.87
CA VAL E 124 -5.89 23.91 14.19
C VAL E 124 -5.63 25.36 14.60
N TRP E 125 -5.32 25.60 15.89
CA TRP E 125 -5.03 26.96 16.33
C TRP E 125 -3.86 27.54 15.56
N ILE E 126 -2.77 26.77 15.44
CA ILE E 126 -1.53 27.26 14.81
C ILE E 126 -1.68 27.45 13.30
N ARG E 127 -2.63 26.77 12.66
CA ARG E 127 -2.89 26.94 11.24
C ARG E 127 -3.87 28.06 10.94
N THR E 128 -4.44 28.66 11.95
CA THR E 128 -5.31 29.81 11.80
C THR E 128 -4.44 31.07 11.73
N PRO E 129 -4.72 31.98 10.80
CA PRO E 129 -3.91 33.20 10.67
C PRO E 129 -3.79 33.91 12.01
N PRO E 130 -2.58 34.36 12.35
CA PRO E 130 -2.37 34.93 13.69
C PRO E 130 -3.24 36.14 13.96
N ALA E 131 -3.54 36.94 12.94
CA ALA E 131 -4.42 38.09 13.14
C ALA E 131 -5.89 37.69 13.33
N ALA E 132 -6.27 36.44 13.07
CA ALA E 132 -7.66 36.01 13.22
C ALA E 132 -7.86 35.06 14.39
N ARG E 133 -6.82 34.70 15.12
CA ARG E 133 -6.95 33.65 16.12
C ARG E 133 -6.78 34.23 17.52
N PRO E 134 -7.15 33.48 18.55
CA PRO E 134 -6.88 33.93 19.93
C PRO E 134 -5.39 34.12 20.13
N PRO E 135 -4.99 35.17 20.87
CA PRO E 135 -3.56 35.49 20.97
C PRO E 135 -2.78 34.42 21.68
N ASN E 136 -3.42 33.63 22.55
CA ASN E 136 -2.75 32.57 23.30
C ASN E 136 -3.21 31.19 22.84
N ALA E 137 -2.30 30.22 22.95
CA ALA E 137 -2.57 28.87 22.51
C ALA E 137 -3.59 28.19 23.43
N PRO E 138 -4.26 27.15 22.97
CA PRO E 138 -5.06 26.34 23.90
C PRO E 138 -4.13 25.67 24.91
N ILE E 139 -4.74 25.19 25.99
CA ILE E 139 -3.98 24.71 27.14
C ILE E 139 -4.30 23.24 27.33
N LEU E 140 -3.24 22.42 27.42
CA LEU E 140 -3.42 20.97 27.50
C LEU E 140 -4.29 20.59 28.70
N SER E 141 -3.96 21.12 29.87
CA SER E 141 -4.77 20.87 31.05
C SER E 141 -6.05 21.71 30.96
N THR E 142 -7.19 21.05 30.89
CA THR E 142 -8.50 21.73 30.80
C THR E 142 -9.62 20.71 30.74
N MET F 1 18.57 9.01 35.50
CA MET F 1 17.64 7.89 35.46
C MET F 1 18.39 6.61 35.06
N ASP F 2 18.18 5.53 35.80
CA ASP F 2 18.89 4.28 35.52
C ASP F 2 17.85 3.21 35.23
N ILE F 3 17.54 3.01 33.94
CA ILE F 3 16.51 2.10 33.51
C ILE F 3 17.18 0.85 32.95
N ASP F 4 16.77 -0.31 33.47
CA ASP F 4 17.18 -1.61 32.95
C ASP F 4 16.02 -2.15 32.13
N PRO F 5 16.17 -2.33 30.82
CA PRO F 5 15.05 -2.77 29.98
C PRO F 5 14.48 -4.13 30.38
N TYR F 6 15.25 -4.95 31.09
CA TYR F 6 14.84 -6.28 31.50
C TYR F 6 14.15 -6.30 32.86
N LYS F 7 14.25 -5.23 33.65
CA LYS F 7 13.81 -5.28 35.04
C LYS F 7 12.31 -5.60 35.15
N GLU F 8 11.47 -4.91 34.36
CA GLU F 8 10.03 -5.18 34.42
C GLU F 8 9.68 -6.58 33.89
N PHE F 9 10.59 -7.26 33.21
CA PHE F 9 10.36 -8.62 32.73
C PHE F 9 11.13 -9.66 33.56
N GLY F 10 11.55 -9.30 34.77
CA GLY F 10 12.17 -10.25 35.67
C GLY F 10 13.58 -10.69 35.29
N ALA F 11 14.34 -9.82 34.64
CA ALA F 11 15.71 -10.14 34.29
C ALA F 11 16.55 -8.87 34.40
N THR F 12 17.81 -8.95 34.00
CA THR F 12 18.66 -7.78 34.10
C THR F 12 19.63 -7.80 32.94
N VAL F 13 20.16 -6.61 32.61
CA VAL F 13 21.22 -6.56 31.61
C VAL F 13 22.37 -7.49 31.99
N GLU F 14 22.73 -7.54 33.28
CA GLU F 14 23.85 -8.39 33.67
C GLU F 14 23.57 -9.86 33.40
N LEU F 15 22.33 -10.30 33.61
CA LEU F 15 21.97 -11.69 33.33
C LEU F 15 22.08 -12.00 31.84
N LEU F 16 21.57 -11.13 30.97
CA LEU F 16 21.69 -11.39 29.53
C LEU F 16 23.14 -11.39 29.06
N SER F 17 24.01 -10.61 29.73
CA SER F 17 25.44 -10.60 29.39
C SER F 17 26.14 -11.91 29.71
N PHE F 18 25.49 -12.82 30.44
CA PHE F 18 26.09 -14.13 30.72
C PHE F 18 26.18 -14.98 29.46
N LEU F 19 25.48 -14.58 28.38
CA LEU F 19 25.47 -15.33 27.13
C LEU F 19 26.41 -14.67 26.13
N PRO F 20 27.42 -15.37 25.63
CA PRO F 20 28.33 -14.75 24.67
C PRO F 20 27.62 -14.45 23.35
N SER F 21 28.25 -13.59 22.56
CA SER F 21 27.62 -13.16 21.31
C SER F 21 27.33 -14.32 20.37
N ASP F 22 28.19 -15.33 20.35
CA ASP F 22 28.00 -16.48 19.48
C ASP F 22 26.67 -17.20 19.72
N PHE F 23 26.04 -16.96 20.87
CA PHE F 23 24.78 -17.63 21.17
C PHE F 23 23.62 -17.05 20.36
N PHE F 24 23.67 -15.81 20.04
CA PHE F 24 22.46 -15.16 19.55
C PHE F 24 22.38 -15.20 18.02
N PRO F 25 21.20 -15.41 17.48
CA PRO F 25 21.00 -15.16 16.05
C PRO F 25 21.30 -13.69 15.76
N SER F 26 21.50 -13.40 14.47
CA SER F 26 21.70 -12.03 14.02
C SER F 26 20.42 -11.22 14.20
N VAL F 27 20.56 -9.88 14.20
CA VAL F 27 19.39 -9.01 14.27
C VAL F 27 18.44 -9.30 13.11
N ARG F 28 18.97 -9.36 11.89
CA ARG F 28 18.12 -9.63 10.73
C ARG F 28 17.34 -10.93 10.87
N ASP F 29 17.98 -11.98 11.41
CA ASP F 29 17.28 -13.24 11.63
C ASP F 29 16.29 -13.14 12.78
N LEU F 30 16.62 -12.34 13.82
CA LEU F 30 15.64 -12.08 14.87
C LEU F 30 14.45 -11.31 14.34
N LEU F 31 14.71 -10.29 13.52
CA LEU F 31 13.60 -9.52 12.94
C LEU F 31 12.74 -10.38 12.03
N ASP F 32 13.37 -11.17 11.15
CA ASP F 32 12.59 -12.05 10.28
C ASP F 32 11.77 -13.07 11.06
N THR F 33 12.31 -13.57 12.18
CA THR F 33 11.58 -14.50 13.03
C THR F 33 10.40 -13.83 13.72
N ALA F 34 10.61 -12.61 14.24
CA ALA F 34 9.51 -11.86 14.83
C ALA F 34 8.38 -11.68 13.83
N ALA F 35 8.71 -11.37 12.58
CA ALA F 35 7.68 -11.24 11.55
C ALA F 35 6.96 -12.56 11.30
N ALA F 36 7.72 -13.67 11.16
CA ALA F 36 7.09 -14.95 10.82
C ALA F 36 6.14 -15.42 11.92
N LEU F 37 6.49 -15.15 13.18
CA LEU F 37 5.66 -15.66 14.28
C LEU F 37 4.64 -14.66 14.79
N TYR F 38 4.98 -13.37 14.81
CA TYR F 38 4.18 -12.40 15.55
C TYR F 38 3.85 -11.16 14.75
N ARG F 39 3.92 -11.18 13.41
CA ARG F 39 3.68 -9.95 12.66
C ARG F 39 2.28 -9.41 12.90
N ASP F 40 1.27 -10.28 12.85
N ASP F 40 1.28 -10.28 12.72
CA ASP F 40 -0.11 -9.80 12.98
CA ASP F 40 -0.12 -10.08 13.05
C ASP F 40 -0.34 -9.17 14.35
C ASP F 40 -0.28 -9.23 14.31
N ALA F 41 0.17 -9.79 15.43
CA ALA F 41 0.02 -9.17 16.74
C ALA F 41 0.84 -7.89 16.84
N LEU F 42 2.06 -7.89 16.33
CA LEU F 42 2.91 -6.71 16.45
C LEU F 42 2.32 -5.51 15.72
N GLU F 43 1.61 -5.75 14.62
CA GLU F 43 1.01 -4.68 13.84
C GLU F 43 -0.40 -4.33 14.29
N SER F 44 -0.92 -4.97 15.34
CA SER F 44 -2.32 -4.77 15.70
C SER F 44 -2.49 -3.54 16.58
N PRO F 45 -3.72 -3.01 16.67
CA PRO F 45 -4.00 -1.91 17.61
C PRO F 45 -4.16 -2.36 19.05
N GLU F 46 -3.97 -3.66 19.33
CA GLU F 46 -4.08 -4.19 20.68
C GLU F 46 -2.70 -4.34 21.29
N HIS F 47 -2.61 -3.98 22.59
CA HIS F 47 -1.35 -4.09 23.32
C HIS F 47 -0.80 -5.50 23.24
N CYS F 48 -1.66 -6.49 23.40
CA CYS F 48 -1.37 -7.93 23.42
C CYS F 48 -0.68 -8.30 24.73
N SER F 49 0.48 -7.74 25.01
CA SER F 49 1.21 -8.00 26.23
C SER F 49 2.34 -6.98 26.36
N PRO F 50 2.92 -6.83 27.57
CA PRO F 50 4.11 -5.98 27.69
C PRO F 50 5.28 -6.40 26.82
N HIS F 51 5.52 -7.72 26.66
CA HIS F 51 6.57 -8.13 25.74
C HIS F 51 6.30 -7.63 24.33
N HIS F 52 5.03 -7.71 23.89
CA HIS F 52 4.66 -7.16 22.59
C HIS F 52 4.96 -5.67 22.50
N THR F 53 4.50 -4.90 23.48
CA THR F 53 4.77 -3.45 23.48
C THR F 53 6.26 -3.18 23.42
N ALA F 54 7.04 -3.86 24.27
CA ALA F 54 8.48 -3.64 24.28
C ALA F 54 9.12 -4.05 22.95
N LEU F 55 8.78 -5.24 22.46
CA LEU F 55 9.35 -5.70 21.20
C LEU F 55 9.04 -4.73 20.07
N ARG F 56 7.82 -4.20 20.03
CA ARG F 56 7.50 -3.17 19.04
C ARG F 56 8.53 -2.06 19.06
N GLN F 57 8.90 -1.58 20.26
CA GLN F 57 9.81 -0.44 20.32
C GLN F 57 11.21 -0.84 19.91
N ALA F 58 11.68 -2.01 20.36
CA ALA F 58 13.03 -2.47 20.01
C ALA F 58 13.19 -2.58 18.50
N ILE F 59 12.18 -3.12 17.81
CA ILE F 59 12.23 -3.21 16.36
C ILE F 59 12.37 -1.83 15.74
N LEU F 60 11.54 -0.88 16.20
CA LEU F 60 11.59 0.45 15.60
C LEU F 60 12.89 1.17 15.92
N CYS F 61 13.41 0.97 17.13
CA CYS F 61 14.67 1.58 17.50
C CYS F 61 15.80 1.09 16.60
N TRP F 62 15.82 -0.22 16.31
CA TRP F 62 16.86 -0.72 15.40
C TRP F 62 16.79 -0.01 14.08
N GLY F 63 15.58 0.16 13.53
CA GLY F 63 15.43 0.98 12.34
C GLY F 63 16.01 2.37 12.51
N ASP F 64 15.70 3.03 13.64
CA ASP F 64 16.31 4.33 13.93
C ASP F 64 17.83 4.24 13.86
N LEU F 65 18.42 3.26 14.56
CA LEU F 65 19.88 3.17 14.59
C LEU F 65 20.45 2.95 13.20
N MET F 66 19.82 2.09 12.40
CA MET F 66 20.35 1.82 11.07
C MET F 66 20.18 3.03 10.15
N THR F 67 19.07 3.75 10.26
CA THR F 67 18.88 4.94 9.43
C THR F 67 19.97 5.96 9.70
N LEU F 68 20.21 6.25 10.98
CA LEU F 68 21.26 7.19 11.34
C LEU F 68 22.63 6.68 10.91
N ALA F 69 22.92 5.42 11.20
CA ALA F 69 24.22 4.86 10.83
C ALA F 69 24.42 4.85 9.32
N THR F 70 23.36 4.53 8.57
CA THR F 70 23.47 4.55 7.12
C THR F 70 23.69 5.97 6.60
N TRP F 71 22.96 6.95 7.15
CA TRP F 71 23.15 8.33 6.71
C TRP F 71 24.56 8.79 7.01
N VAL F 72 25.09 8.41 8.17
CA VAL F 72 26.48 8.70 8.49
C VAL F 72 27.40 8.00 7.50
N GLY F 73 27.13 6.73 7.21
CA GLY F 73 27.98 5.98 6.31
C GLY F 73 27.89 6.45 4.87
N THR F 74 26.74 6.98 4.47
CA THR F 74 26.56 7.43 3.09
C THR F 74 27.16 8.81 2.83
N ASN F 75 27.51 9.56 3.87
CA ASN F 75 28.05 10.90 3.69
C ASN F 75 29.31 11.17 4.49
N LEU F 76 30.02 10.13 4.95
CA LEU F 76 31.28 10.30 5.66
C LEU F 76 32.46 10.27 4.69
N GLU F 77 33.64 10.61 5.21
CA GLU F 77 34.82 10.86 4.40
C GLU F 77 35.32 9.63 3.67
N ASP F 78 35.92 8.70 4.41
CA ASP F 78 36.64 7.58 3.82
C ASP F 78 35.70 6.39 3.64
N PRO F 79 35.51 5.90 2.42
CA PRO F 79 34.71 4.68 2.24
C PRO F 79 35.41 3.46 2.83
N ALA F 80 36.56 3.67 3.50
CA ALA F 80 37.17 2.69 4.38
C ALA F 80 36.87 2.88 5.87
N SER F 81 36.52 4.11 6.31
CA SER F 81 36.11 4.36 7.70
C SER F 81 34.65 4.01 7.96
N ARG F 82 33.99 3.37 6.99
CA ARG F 82 32.68 2.78 7.22
C ARG F 82 32.83 1.43 7.90
N ASP F 83 33.90 0.70 7.59
CA ASP F 83 34.22 -0.52 8.31
C ASP F 83 34.24 -0.27 9.81
N LEU F 84 34.58 0.96 10.22
CA LEU F 84 34.56 1.31 11.64
C LEU F 84 33.14 1.44 12.16
N VAL F 85 32.28 2.12 11.41
CA VAL F 85 30.88 2.26 11.81
C VAL F 85 30.20 0.91 11.81
N VAL F 86 30.38 0.13 10.75
CA VAL F 86 29.84 -1.22 10.72
C VAL F 86 30.39 -2.02 11.89
N SER F 87 31.69 -1.90 12.17
CA SER F 87 32.27 -2.61 13.29
C SER F 87 31.69 -2.10 14.61
N TYR F 88 31.48 -0.79 14.72
CA TYR F 88 30.93 -0.23 15.96
C TYR F 88 29.52 -0.76 16.23
N VAL F 89 28.70 -0.89 15.19
CA VAL F 89 27.39 -1.50 15.36
C VAL F 89 27.53 -2.95 15.76
N ASN F 90 28.40 -3.70 15.06
CA ASN F 90 28.54 -5.12 15.32
C ASN F 90 29.08 -5.38 16.73
N THR F 91 30.10 -4.63 17.14
CA THR F 91 30.71 -4.88 18.45
C THR F 91 29.92 -4.31 19.61
N ASN F 92 29.11 -3.25 19.37
CA ASN F 92 28.45 -2.57 20.48
C ASN F 92 26.94 -2.75 20.35
N VAL F 93 26.23 -1.86 19.67
CA VAL F 93 24.78 -1.85 19.77
C VAL F 93 24.17 -3.13 19.19
N GLY F 94 24.82 -3.75 18.21
CA GLY F 94 24.29 -4.97 17.62
C GLY F 94 24.10 -6.09 18.62
N LEU F 95 25.08 -6.31 19.51
CA LEU F 95 24.92 -7.36 20.51
C LEU F 95 23.81 -7.03 21.49
N LYS F 96 23.69 -5.74 21.87
CA LYS F 96 22.63 -5.33 22.77
C LYS F 96 21.26 -5.67 22.20
N PHE F 97 21.04 -5.37 20.92
CA PHE F 97 19.74 -5.66 20.33
C PHE F 97 19.54 -7.14 20.04
N ARG F 98 20.61 -7.88 19.77
CA ARG F 98 20.45 -9.33 19.68
C ARG F 98 19.96 -9.90 20.99
N GLN F 99 20.56 -9.45 22.11
CA GLN F 99 20.10 -9.87 23.43
C GLN F 99 18.64 -9.51 23.65
N LEU F 100 18.30 -8.25 23.39
CA LEU F 100 16.96 -7.73 23.64
C LEU F 100 15.91 -8.40 22.76
N LEU F 101 16.13 -8.41 21.45
CA LEU F 101 15.14 -9.02 20.55
C LEU F 101 15.01 -10.52 20.82
N TRP F 102 16.13 -11.20 21.02
CA TRP F 102 16.02 -12.62 21.35
C TRP F 102 15.21 -12.80 22.62
N PHE F 103 15.44 -11.95 23.62
CA PHE F 103 14.77 -12.12 24.90
C PHE F 103 13.25 -12.00 24.76
N HIS F 104 12.77 -10.97 24.05
CA HIS F 104 11.33 -10.82 23.94
C HIS F 104 10.71 -11.89 23.04
N ILE F 105 11.35 -12.20 21.92
CA ILE F 105 10.78 -13.19 21.03
C ILE F 105 10.69 -14.54 21.73
N SER F 106 11.74 -14.91 22.46
CA SER F 106 11.77 -16.23 23.09
C SER F 106 10.83 -16.30 24.29
N CYS F 107 10.70 -15.20 25.02
CA CYS F 107 9.75 -15.17 26.13
C CYS F 107 8.32 -15.34 25.63
N LEU F 108 7.98 -14.64 24.54
CA LEU F 108 6.65 -14.78 23.95
C LEU F 108 6.41 -16.20 23.50
N THR F 109 7.46 -16.90 23.08
CA THR F 109 7.28 -18.26 22.55
C THR F 109 7.27 -19.32 23.64
N PHE F 110 8.16 -19.20 24.64
CA PHE F 110 8.39 -20.25 25.62
C PHE F 110 8.09 -19.86 27.06
N GLY F 111 7.89 -18.57 27.34
CA GLY F 111 7.69 -18.15 28.72
C GLY F 111 8.98 -17.75 29.39
N ARG F 112 8.85 -16.82 30.33
CA ARG F 112 10.01 -16.20 30.96
C ARG F 112 10.89 -17.23 31.68
N GLU F 113 10.28 -18.10 32.49
CA GLU F 113 11.11 -18.99 33.30
C GLU F 113 11.83 -20.02 32.46
N THR F 114 11.21 -20.53 31.38
CA THR F 114 11.98 -21.38 30.47
C THR F 114 13.15 -20.61 29.89
N VAL F 115 12.90 -19.36 29.49
CA VAL F 115 13.96 -18.52 28.92
C VAL F 115 15.07 -18.29 29.93
N LEU F 116 14.72 -18.00 31.18
CA LEU F 116 15.75 -17.68 32.16
C LEU F 116 16.55 -18.92 32.55
N GLU F 117 15.88 -20.07 32.68
CA GLU F 117 16.61 -21.32 32.95
C GLU F 117 17.55 -21.68 31.81
N TYR F 118 17.11 -21.48 30.56
CA TYR F 118 17.96 -21.81 29.43
C TYR F 118 19.16 -20.88 29.34
N LEU F 119 18.93 -19.62 29.68
CA LEU F 119 20.00 -18.64 29.75
C LEU F 119 21.13 -19.15 30.63
N VAL F 120 20.82 -19.61 31.83
CA VAL F 120 21.88 -20.07 32.71
C VAL F 120 22.43 -21.43 32.25
N SER F 121 21.55 -22.31 31.76
CA SER F 121 22.02 -23.63 31.32
C SER F 121 23.02 -23.50 30.19
N PHE F 122 22.71 -22.68 29.18
CA PHE F 122 23.63 -22.51 28.06
C PHE F 122 24.88 -21.76 28.48
N GLY F 123 24.72 -20.70 29.30
CA GLY F 123 25.88 -19.96 29.74
C GLY F 123 26.87 -20.81 30.52
N VAL F 124 26.36 -21.78 31.27
CA VAL F 124 27.23 -22.74 31.96
C VAL F 124 27.80 -23.77 30.99
N TRP F 125 26.98 -24.25 30.05
CA TRP F 125 27.47 -25.24 29.08
C TRP F 125 28.67 -24.69 28.31
N ILE F 126 28.55 -23.46 27.79
CA ILE F 126 29.58 -22.88 26.93
C ILE F 126 30.84 -22.54 27.72
N ARG F 127 30.74 -22.36 29.04
CA ARG F 127 31.93 -22.12 29.85
C ARG F 127 32.61 -23.40 30.32
N THR F 128 32.05 -24.54 30.05
CA THR F 128 32.68 -25.81 30.37
C THR F 128 33.67 -26.18 29.27
N PRO F 129 34.87 -26.65 29.62
CA PRO F 129 35.85 -27.00 28.58
C PRO F 129 35.23 -27.94 27.58
N PRO F 130 35.45 -27.72 26.28
CA PRO F 130 34.77 -28.54 25.26
C PRO F 130 35.10 -30.01 25.36
N ALA F 131 36.32 -30.35 25.76
CA ALA F 131 36.68 -31.75 25.90
C ALA F 131 36.01 -32.40 27.12
N ALA F 132 35.41 -31.62 28.01
CA ALA F 132 34.76 -32.16 29.21
C ALA F 132 33.23 -32.06 29.18
N ARG F 133 32.63 -31.47 28.15
CA ARG F 133 31.20 -31.20 28.17
C ARG F 133 30.46 -32.01 27.10
N PRO F 134 29.14 -32.15 27.21
CA PRO F 134 28.38 -32.83 26.16
C PRO F 134 28.60 -32.17 24.82
N PRO F 135 28.67 -32.95 23.73
CA PRO F 135 28.95 -32.35 22.43
C PRO F 135 27.91 -31.37 21.93
N ASN F 136 26.63 -31.54 22.31
CA ASN F 136 25.55 -30.66 21.86
C ASN F 136 25.07 -29.73 22.97
N ALA F 137 24.61 -28.54 22.57
CA ALA F 137 24.13 -27.53 23.50
C ALA F 137 22.83 -27.99 24.17
N PRO F 138 22.46 -27.41 25.30
CA PRO F 138 21.11 -27.66 25.80
C PRO F 138 20.10 -27.04 24.84
N ILE F 139 18.86 -27.46 24.97
CA ILE F 139 17.82 -27.16 24.01
C ILE F 139 16.73 -26.37 24.71
N LEU F 140 16.41 -25.19 24.15
CA LEU F 140 15.49 -24.26 24.77
C LEU F 140 14.09 -24.85 24.97
N SER F 141 13.56 -25.51 23.95
CA SER F 141 12.17 -25.97 23.99
C SER F 141 11.92 -27.13 24.94
N THR F 142 12.95 -27.80 25.43
CA THR F 142 12.74 -28.99 26.24
C THR F 142 12.20 -28.64 27.63
N LEU F 143 11.19 -29.40 28.07
CA LEU F 143 10.54 -29.29 29.37
C LEU F 143 10.38 -27.84 29.86
N VAL F 149 5.02 -42.75 33.97
CA VAL F 149 5.19 -42.07 35.25
C VAL F 149 3.88 -42.18 36.04
N GLU F 150 3.80 -41.53 37.20
CA GLU F 150 2.67 -41.65 38.11
C GLU F 150 1.47 -40.81 37.69
N ASN F 151 1.41 -40.39 36.42
CA ASN F 151 0.14 -39.97 35.84
C ASN F 151 -0.88 -41.10 35.93
N LEU F 152 -0.42 -42.36 35.91
CA LEU F 152 -1.34 -43.48 35.93
C LEU F 152 -2.05 -43.63 37.28
N TYR F 153 -1.39 -43.21 38.37
CA TYR F 153 -2.01 -43.39 39.68
C TYR F 153 -3.32 -42.61 39.81
N PHE F 154 -3.34 -41.38 39.31
CA PHE F 154 -4.51 -40.52 39.45
C PHE F 154 -5.49 -40.65 38.29
N GLN F 155 -5.34 -41.66 37.45
CA GLN F 155 -6.32 -41.97 36.43
C GLN F 155 -7.63 -42.42 37.07
C01 7TL G . 6.82 -36.22 -0.46
O02 7TL G . 7.68 -35.19 0.02
C03 7TL G . 8.35 -35.34 1.21
O04 7TL G . 8.03 -36.40 1.79
C05 7TL G . 9.34 -34.42 1.76
C06 7TL G . 10.21 -34.76 2.78
N07 7TL G . 11.10 -33.80 3.32
C08 7TL G . 11.22 -32.55 2.72
N09 7TL G . 10.56 -32.22 1.66
C10 7TL G . 9.61 -33.14 0.95
C11 7TL G . 10.36 -33.42 -0.44
C12 7TL G . 11.65 -33.94 -0.48
C13 7TL G . 12.38 -34.25 -1.65
C14 7TL G . 11.77 -33.99 -2.87
C15 7TL G . 10.49 -33.46 -2.94
C16 7TL G . 9.84 -33.20 -1.71
CL1 7TL G . 8.21 -32.51 -1.75
F18 7TL G . 12.48 -34.27 -3.96
C19 7TL G . 12.25 -31.53 3.33
N20 7TL G . 12.89 -31.52 4.48
C21 7TL G . 13.83 -30.42 4.65
C22 7TL G . 13.89 -29.58 3.55
S23 7TL G . 12.80 -30.18 2.33
C24 7TL G . 10.33 -36.07 3.58
N25 7TL G . 11.56 -36.20 4.42
C26 7TL G . 12.74 -36.37 3.56
C27 7TL G . 13.79 -36.65 4.60
C28 7TL G . 13.08 -37.23 5.83
C29 7TL G . 11.59 -37.22 5.45
C30 7TL G . 10.63 -37.08 6.69
O31 7TL G . 10.36 -38.05 7.44
O32 7TL G . 10.15 -35.92 6.82
F33 7TL G . 14.51 -35.52 4.92
F34 7TL G . 14.79 -37.42 4.09
C1 IPA H . 2.50 -20.96 -11.61
C2 IPA H . 2.38 -19.55 -11.07
C3 IPA H . 2.02 -19.56 -9.59
O2 IPA H . 3.58 -18.82 -11.24
C1 IPA I . -1.17 -24.04 -17.44
C2 IPA I . -0.20 -22.94 -17.84
C3 IPA I . 0.21 -22.12 -16.62
O2 IPA I . 0.93 -23.52 -18.42
C1 IPA J . 27.49 -27.79 19.61
C2 IPA J . 26.28 -28.06 18.73
C3 IPA J . 26.44 -29.41 18.05
O2 IPA J . 25.07 -28.02 19.50
C01 7TL K . -16.27 -11.80 -20.01
O02 7TL K . -15.99 -12.34 -21.30
C03 7TL K . -16.87 -12.24 -22.33
O04 7TL K . -17.94 -11.70 -21.97
C05 7TL K . -16.64 -12.70 -23.68
C06 7TL K . -17.41 -12.33 -24.76
N07 7TL K . -17.04 -12.71 -26.07
C08 7TL K . -15.83 -13.34 -26.29
N09 7TL K . -14.97 -13.55 -25.34
C10 7TL K . -15.18 -13.16 -23.92
C11 7TL K . -14.05 -12.01 -23.74
C12 7TL K . -14.00 -10.88 -24.60
C13 7TL K . -13.02 -9.86 -24.50
C14 7TL K . -12.03 -9.98 -23.53
C15 7TL K . -11.99 -11.06 -22.68
C16 7TL K . -13.01 -12.03 -22.84
CL1 7TL K . -12.96 -13.45 -21.74
F18 7TL K . -11.10 -9.01 -23.47
C19 7TL K . -15.49 -13.70 -27.76
N20 7TL K . -16.26 -13.70 -28.84
C21 7TL K . -15.56 -14.03 -30.06
C22 7TL K . -14.21 -14.24 -29.89
S23 7TL K . -13.81 -14.04 -28.21
C24 7TL K . -18.72 -11.54 -24.79
N25 7TL K . -19.12 -10.97 -26.09
C26 7TL K . -18.25 -9.86 -26.51
C27 7TL K . -18.98 -9.50 -27.79
C28 7TL K . -20.42 -10.02 -27.67
C29 7TL K . -20.51 -10.64 -26.30
C30 7TL K . -21.55 -11.76 -26.20
O31 7TL K . -21.18 -12.98 -26.24
O32 7TL K . -22.73 -11.40 -26.04
F33 7TL K . -18.37 -10.02 -28.91
F34 7TL K . -18.91 -8.19 -28.04
CL CL L . -8.80 -21.31 -40.87
CL CL M . -4.62 -5.04 -4.85
C1 GOL N . -18.30 -9.49 -39.10
O1 GOL N . -17.42 -10.58 -39.32
C2 GOL N . -18.37 -9.22 -37.60
O2 GOL N . -19.52 -8.48 -37.26
C3 GOL N . -18.30 -10.55 -36.86
O3 GOL N . -19.51 -10.89 -36.25
C1 GOL O . -14.56 -5.55 -9.51
O1 GOL O . -13.16 -5.58 -9.62
C2 GOL O . -15.13 -6.95 -9.32
O2 GOL O . -14.29 -7.68 -8.44
C3 GOL O . -16.52 -6.83 -8.70
O3 GOL O . -17.45 -7.64 -9.39
C01 7TL P . -27.69 11.61 -21.52
O02 7TL P . -26.90 10.44 -21.49
C03 7TL P . -27.03 9.42 -22.44
O04 7TL P . -28.24 9.26 -22.71
C05 7TL P . -25.93 8.61 -23.05
C06 7TL P . -26.12 7.68 -24.06
N07 7TL P . -25.03 6.89 -24.53
C08 7TL P . -23.76 7.13 -24.09
N09 7TL P . -23.48 8.05 -23.24
C10 7TL P . -24.47 8.99 -22.65
C11 7TL P . -24.00 10.38 -23.26
C12 7TL P . -23.92 10.56 -24.66
C13 7TL P . -23.53 11.77 -25.29
C14 7TL P . -23.20 12.85 -24.48
C15 7TL P . -23.25 12.75 -23.09
C16 7TL P . -23.65 11.51 -22.55
CL1 7TL P . -23.69 11.36 -20.78
F18 7TL P . -22.82 13.99 -25.10
C19 7TL P . -22.64 6.28 -24.73
N20 7TL P . -22.69 5.24 -25.53
C21 7TL P . -21.41 4.76 -25.99
C22 7TL P . -20.33 5.50 -25.53
S23 7TL P . -20.96 6.79 -24.53
C24 7TL P . -27.46 7.07 -24.56
N25 7TL P . -27.75 7.03 -26.04
C26 7TL P . -26.56 7.34 -26.88
C27 7TL P . -26.67 6.43 -28.10
C28 7TL P . -27.63 5.31 -27.77
C29 7TL P . -28.45 5.83 -26.60
C30 7TL P . -29.00 4.68 -25.71
O31 7TL P . -30.18 4.27 -25.97
O32 7TL P . -28.27 4.23 -24.79
F33 7TL P . -25.49 5.91 -28.48
F34 7TL P . -26.98 7.15 -29.22
C1 IPA Q . -14.07 22.30 -7.09
C2 IPA Q . -14.98 23.36 -7.73
C3 IPA Q . -16.14 23.71 -6.81
O2 IPA Q . -14.25 24.53 -7.99
C1 GOL R . -9.03 4.03 -3.96
O1 GOL R . -9.69 3.22 -4.92
C2 GOL R . -9.43 3.65 -2.54
O2 GOL R . -9.01 2.34 -2.24
C3 GOL R . -8.79 4.60 -1.53
O3 GOL R . -9.75 5.05 -0.60
C01 7TL S . -11.95 22.43 12.32
O02 7TL S . -11.69 23.80 11.95
C03 7TL S . -11.69 24.79 12.91
O04 7TL S . -11.82 24.30 14.04
C05 7TL S . -11.54 26.22 12.70
C06 7TL S . -11.48 27.13 13.71
N07 7TL S . -11.30 28.54 13.45
C08 7TL S . -11.18 28.97 12.12
N09 7TL S . -11.19 28.16 11.12
C10 7TL S . -11.32 26.68 11.22
C11 7TL S . -9.94 26.17 10.62
C12 7TL S . -8.71 26.64 11.16
C13 7TL S . -7.43 26.21 10.69
C14 7TL S . -7.38 25.30 9.65
C15 7TL S . -8.53 24.80 9.07
C16 7TL S . -9.77 25.27 9.59
CL1 7TL S . -11.24 24.64 8.80
F18 7TL S . -6.17 24.93 9.21
C19 7TL S . -10.93 30.50 11.83
N20 7TL S . -10.96 31.56 12.61
C21 7TL S . -10.59 32.78 11.98
C22 7TL S . -10.23 32.65 10.64
S23 7TL S . -10.38 30.97 10.20
C24 7TL S . -11.10 26.85 15.18
N25 7TL S . -10.59 28.03 15.88
C26 7TL S . -9.17 28.13 15.62
C27 7TL S . -8.82 29.27 16.56
C28 7TL S . -9.87 29.27 17.68
C29 7TL S . -10.82 28.15 17.32
C30 7TL S . -12.24 28.36 17.92
O31 7TL S . -12.43 28.16 19.15
O32 7TL S . -13.13 28.71 17.08
F33 7TL S . -8.80 30.49 15.92
F34 7TL S . -7.54 29.15 16.98
C1 IPA T . -13.13 15.01 -8.82
C2 IPA T . -12.51 16.03 -9.76
C3 IPA T . -13.10 17.41 -9.51
O2 IPA T . -11.10 16.07 -9.63
CL CL U . -26.97 32.02 -8.96
C01 7TL V . 3.48 16.41 32.15
O02 7TL V . 3.72 17.41 31.14
C03 7TL V . 2.85 18.47 30.92
O04 7TL V . 2.18 18.74 31.95
C05 7TL V . 2.68 19.20 29.66
C06 7TL V . 2.18 20.47 29.59
N07 7TL V . 2.07 21.17 28.37
C08 7TL V . 2.59 20.61 27.21
N09 7TL V . 3.22 19.48 27.20
C10 7TL V . 3.48 18.67 28.44
C11 7TL V . 5.04 18.90 28.63
C12 7TL V . 5.62 20.20 28.75
C13 7TL V . 7.01 20.45 28.93
C14 7TL V . 7.87 19.34 28.97
C15 7TL V . 7.38 18.05 28.84
C16 7TL V . 5.99 17.90 28.67
CL1 7TL V . 5.33 16.24 28.49
F18 7TL V . 9.20 19.55 29.11
C19 7TL V . 2.46 21.48 25.95
N20 7TL V . 1.75 22.55 25.73
C21 7TL V . 1.95 23.18 24.43
C22 7TL V . 2.91 22.54 23.66
S23 7TL V . 3.51 21.20 24.57
C24 7TL V . 1.66 21.33 30.74
N25 7TL V . 1.37 22.72 30.35
C26 7TL V . 2.64 23.48 30.35
C27 7TL V . 2.11 24.88 30.14
C28 7TL V . 0.67 24.88 30.69
C29 7TL V . 0.41 23.46 31.18
C30 7TL V . -1.09 23.05 31.17
O31 7TL V . -1.54 22.24 30.29
O32 7TL V . -1.79 23.56 32.07
F33 7TL V . 2.19 25.28 28.84
F34 7TL V . 2.92 25.79 30.69
C1 IPA W . 9.94 9.80 40.86
C2 IPA W . 8.49 9.50 41.21
C3 IPA W . 7.69 10.79 41.23
O2 IPA W . 7.94 8.55 40.31
C1 IPA X . 15.59 -0.66 25.05
C2 IPA X . 16.29 -0.45 23.71
C3 IPA X . 15.33 0.04 22.64
O2 IPA X . 17.39 0.43 23.89
C1 GOL Y . -5.73 40.57 15.92
O1 GOL Y . -4.42 41.04 15.64
C2 GOL Y . -5.66 39.22 16.63
O2 GOL Y . -5.08 39.39 17.91
C3 GOL Y . -7.08 38.70 16.71
O3 GOL Y . -7.22 37.61 17.58
C01 7TL Z . 10.90 -18.71 18.17
O02 7TL Z . 12.22 -18.74 18.68
C03 7TL Z . 12.85 -19.94 18.98
O04 7TL Z . 12.08 -20.92 18.84
C05 7TL Z . 14.23 -20.11 19.38
C06 7TL Z . 14.88 -21.30 19.38
N07 7TL Z . 16.21 -21.43 19.81
C08 7TL Z . 16.95 -20.31 20.15
N09 7TL Z . 16.46 -19.11 20.08
C10 7TL Z . 15.07 -18.81 19.57
C11 7TL Z . 15.38 -18.12 18.17
C12 7TL Z . 16.16 -18.78 17.18
C13 7TL Z . 16.46 -18.24 15.89
C14 7TL Z . 15.99 -16.97 15.60
C15 7TL Z . 15.25 -16.25 16.53
C16 7TL Z . 14.97 -16.87 17.78
CL1 7TL Z . 14.00 -15.93 18.99
F18 7TL Z . 16.29 -16.46 14.39
C19 7TL Z . 18.41 -20.58 20.54
N20 7TL Z . 19.02 -21.71 20.80
C21 7TL Z . 20.44 -21.59 21.04
C22 7TL Z . 20.94 -20.30 20.91
S23 7TL Z . 19.61 -19.25 20.48
C24 7TL Z . 14.35 -22.68 19.04
N25 7TL Z . 15.39 -23.72 18.93
C26 7TL Z . 16.10 -23.53 17.64
C27 7TL Z . 16.92 -24.83 17.58
C28 7TL Z . 16.22 -25.83 18.49
C29 7TL Z . 14.94 -25.13 18.94
C30 7TL Z . 14.37 -25.76 20.24
O31 7TL Z . 13.79 -26.88 20.25
O32 7TL Z . 14.57 -25.06 21.28
F33 7TL Z . 18.21 -24.64 17.96
F34 7TL Z . 17.10 -25.25 16.31
C1 GOL AA . 35.13 -35.72 24.92
O1 GOL AA . 36.28 -34.94 24.70
C2 GOL AA . 33.91 -34.84 24.86
O2 GOL AA . 32.95 -35.42 24.00
C3 GOL AA . 33.37 -34.69 26.27
O3 GOL AA . 32.05 -35.15 26.38
C1 GOL BA . 4.35 -12.50 8.16
O1 GOL BA . 5.64 -12.88 7.75
C2 GOL BA . 3.56 -13.74 8.53
O2 GOL BA . 3.25 -13.68 9.91
C3 GOL BA . 2.27 -13.85 7.70
O3 GOL BA . 2.49 -13.56 6.32
#